data_4DVS
#
_entry.id   4DVS
#
_cell.length_a   64.644
_cell.length_b   68.223
_cell.length_c   94.021
_cell.angle_alpha   90.00
_cell.angle_beta   91.48
_cell.angle_gamma   90.00
#
_symmetry.space_group_name_H-M   'P 1 21 1'
#
loop_
_entity.id
_entity.type
_entity.pdbx_description
1 polymer 'clade A/E 93TH057 HIV-1 gp120 core'
2 non-polymer 2-acetamido-2-deoxy-beta-D-glucopyranose
3 non-polymer "N-(4-bromophenyl)-N'-(2,2,6,6-tetramethylpiperidin-4-yl)ethanediamide"
4 non-polymer '4-(2-HYDROXYETHYL)-1-PIPERAZINE ETHANESULFONIC ACID'
5 water water
#
_entity_poly.entity_id   1
_entity_poly.type   'polypeptide(L)'
_entity_poly.pdbx_seq_one_letter_code
;VWKDADTTLFCASDAKAHETEVHNVWATHACVPTDPNPQEIHLENVTENFNMWKNNMVEQMQEDVISLWDQSLQPCVKLT
GGSVIKQACPKISFDPIPIHYCTPAGYVILKCNDKNFNGTGPCKNVSSVQCTHGIKPVVSTQLLLNGSLAEEEIIIRSEN
LTNNAKTIIVHLNKSVEINCTRPSNGGSGSGGDIRKAYCEINGTKWNKVLKQVTEKLKEHFNNKTIIFQPPSGGDLEITM
HSFNCRGEFFYCNTTQLFNNTCIGNETMKGCNGTITLPCKIKQIINMWQGTGQAMYAPPIDGKINCVSNITGILLTRDGG
ANNTSNETFRPGGGNIKDNWRSELYKYKVVQIE
;
_entity_poly.pdbx_strand_id   A,B
#
# COMPACT_ATOMS: atom_id res chain seq x y z
N VAL A 1 -35.77 5.33 -14.53
CA VAL A 1 -34.55 5.47 -15.31
C VAL A 1 -33.93 6.85 -15.10
N TRP A 2 -32.60 6.91 -15.14
CA TRP A 2 -31.89 8.16 -14.88
C TRP A 2 -30.56 8.21 -15.62
N LYS A 3 -29.84 9.31 -15.45
CA LYS A 3 -28.54 9.48 -16.08
C LYS A 3 -27.71 10.51 -15.33
N ASP A 4 -26.39 10.34 -15.35
CA ASP A 4 -25.49 11.30 -14.75
C ASP A 4 -25.79 12.70 -15.29
N ALA A 5 -25.82 13.68 -14.39
CA ALA A 5 -26.12 15.04 -14.80
C ALA A 5 -25.68 16.05 -13.75
N ASP A 6 -25.49 17.30 -14.18
CA ASP A 6 -25.16 18.38 -13.26
C ASP A 6 -26.29 19.39 -13.25
N THR A 7 -26.65 19.84 -12.05
CA THR A 7 -27.67 20.87 -11.90
C THR A 7 -27.33 21.72 -10.68
N THR A 8 -27.93 22.91 -10.62
CA THR A 8 -27.70 23.79 -9.47
C THR A 8 -28.34 23.21 -8.23
N LEU A 9 -27.53 22.93 -7.21
CA LEU A 9 -28.02 22.40 -5.95
C LEU A 9 -28.45 23.53 -5.02
N PHE A 10 -29.22 23.17 -3.99
CA PHE A 10 -29.53 24.11 -2.92
C PHE A 10 -29.09 23.51 -1.59
N CYS A 11 -29.09 24.32 -0.54
CA CYS A 11 -28.60 23.86 0.75
C CYS A 11 -29.65 23.90 1.85
N ALA A 12 -29.49 23.05 2.85
CA ALA A 12 -30.36 23.02 4.01
C ALA A 12 -29.49 22.94 5.26
N SER A 13 -29.98 23.52 6.36
CA SER A 13 -29.24 23.52 7.61
C SER A 13 -30.16 23.77 8.79
N ASP A 14 -29.59 23.74 9.99
CA ASP A 14 -30.35 24.02 11.21
C ASP A 14 -29.85 25.31 11.85
N ALA A 15 -29.39 26.24 11.01
CA ALA A 15 -28.86 27.51 11.48
C ALA A 15 -29.86 28.27 12.36
N LYS A 16 -29.35 29.10 13.24
CA LYS A 16 -30.20 29.90 14.13
C LYS A 16 -30.25 31.34 13.65
N ALA A 17 -31.46 31.85 13.43
CA ALA A 17 -31.64 33.20 12.90
C ALA A 17 -31.14 34.27 13.86
N HIS A 18 -31.03 33.91 15.14
CA HIS A 18 -30.64 34.89 16.17
C HIS A 18 -29.14 34.84 16.47
N GLU A 19 -28.43 33.90 15.85
CA GLU A 19 -26.99 33.78 16.05
C GLU A 19 -26.22 34.81 15.22
N THR A 20 -25.18 35.39 15.81
CA THR A 20 -24.30 36.30 15.09
C THR A 20 -23.15 35.54 14.45
N GLU A 21 -22.99 34.28 14.84
CA GLU A 21 -21.98 33.41 14.26
C GLU A 21 -22.15 33.36 12.75
N VAL A 22 -21.05 33.60 12.02
CA VAL A 22 -21.11 33.86 10.59
C VAL A 22 -21.70 32.74 9.75
N HIS A 23 -21.44 31.49 10.12
CA HIS A 23 -22.01 30.35 9.39
C HIS A 23 -23.52 30.32 9.53
N ASN A 24 -24.01 30.56 10.75
CA ASN A 24 -25.44 30.63 11.01
C ASN A 24 -26.09 31.74 10.19
N VAL A 25 -25.44 32.90 10.15
CA VAL A 25 -25.94 34.03 9.38
C VAL A 25 -26.02 33.70 7.90
N TRP A 26 -24.95 33.12 7.37
CA TRP A 26 -24.90 32.78 5.95
C TRP A 26 -26.01 31.80 5.57
N ALA A 27 -26.10 30.70 6.31
CA ALA A 27 -27.08 29.66 6.02
C ALA A 27 -28.52 30.15 6.20
N THR A 28 -28.72 31.05 7.16
CA THR A 28 -30.03 31.61 7.42
C THR A 28 -30.58 32.32 6.18
N HIS A 29 -29.68 32.95 5.43
CA HIS A 29 -30.07 33.72 4.25
C HIS A 29 -29.83 32.95 2.94
N ALA A 30 -29.09 31.85 3.03
CA ALA A 30 -28.71 31.10 1.83
C ALA A 30 -29.29 29.68 1.75
N CYS A 31 -29.76 29.16 2.87
CA CYS A 31 -30.26 27.79 2.91
C CYS A 31 -31.69 27.71 3.43
N VAL A 32 -32.29 26.53 3.36
CA VAL A 32 -33.60 26.28 3.91
C VAL A 32 -33.49 25.31 5.08
N PRO A 33 -34.58 25.16 5.85
CA PRO A 33 -34.60 24.23 6.98
C PRO A 33 -34.36 22.79 6.51
N THR A 34 -33.74 21.98 7.36
CA THR A 34 -33.51 20.58 7.04
C THR A 34 -34.79 19.77 7.15
N ASP A 35 -34.82 18.62 6.47
CA ASP A 35 -35.99 17.73 6.54
C ASP A 35 -35.86 16.79 7.73
N PRO A 36 -36.80 16.90 8.68
CA PRO A 36 -36.78 16.08 9.90
C PRO A 36 -36.99 14.60 9.59
N ASN A 37 -37.73 14.31 8.52
CA ASN A 37 -37.99 12.93 8.12
C ASN A 37 -37.55 12.66 6.69
N PRO A 38 -36.23 12.67 6.45
CA PRO A 38 -35.68 12.47 5.11
C PRO A 38 -36.01 11.09 4.57
N GLN A 39 -36.30 11.02 3.26
CA GLN A 39 -36.63 9.75 2.62
C GLN A 39 -35.43 9.19 1.89
N GLU A 40 -35.19 7.89 2.04
CA GLU A 40 -34.09 7.23 1.38
C GLU A 40 -34.54 5.91 0.75
N ILE A 41 -34.22 5.75 -0.54
CA ILE A 41 -34.60 4.55 -1.27
C ILE A 41 -33.36 3.75 -1.67
N HIS A 42 -33.26 2.53 -1.16
CA HIS A 42 -32.15 1.64 -1.52
C HIS A 42 -32.46 0.89 -2.80
N LEU A 43 -31.65 1.12 -3.82
CA LEU A 43 -31.88 0.54 -5.13
C LEU A 43 -31.54 -0.95 -5.18
N GLU A 44 -32.50 -1.75 -5.60
CA GLU A 44 -32.33 -3.20 -5.64
C GLU A 44 -31.29 -3.63 -6.66
N ASN A 45 -30.21 -4.24 -6.17
CA ASN A 45 -29.14 -4.75 -7.03
C ASN A 45 -28.83 -3.88 -8.23
N VAL A 46 -28.60 -2.60 -7.98
CA VAL A 46 -28.24 -1.67 -9.04
C VAL A 46 -26.77 -1.30 -8.92
N THR A 47 -26.06 -1.31 -10.04
CA THR A 47 -24.66 -0.93 -10.07
C THR A 47 -24.47 0.45 -10.67
N GLU A 48 -23.81 1.33 -9.93
CA GLU A 48 -23.54 2.69 -10.38
C GLU A 48 -22.07 3.02 -10.27
N ASN A 49 -21.53 3.71 -11.26
CA ASN A 49 -20.15 4.15 -11.23
C ASN A 49 -20.03 5.55 -10.63
N PHE A 50 -19.01 5.75 -9.80
CA PHE A 50 -18.76 7.04 -9.17
C PHE A 50 -17.37 7.54 -9.52
N ASN A 51 -17.18 8.86 -9.45
CA ASN A 51 -15.87 9.48 -9.60
C ASN A 51 -15.75 10.71 -8.73
N MET A 52 -15.33 10.53 -7.48
CA MET A 52 -15.24 11.62 -6.52
C MET A 52 -14.34 12.74 -7.02
N TRP A 53 -13.46 12.41 -7.97
CA TRP A 53 -12.47 13.36 -8.47
C TRP A 53 -13.01 14.20 -9.61
N LYS A 54 -14.16 13.80 -10.15
CA LYS A 54 -14.87 14.58 -11.15
C LYS A 54 -16.33 14.68 -10.77
N ASN A 55 -16.60 15.50 -9.75
CA ASN A 55 -17.94 15.63 -9.20
C ASN A 55 -18.30 17.11 -9.02
N ASN A 56 -19.26 17.59 -9.79
CA ASN A 56 -19.62 19.00 -9.78
C ASN A 56 -20.16 19.46 -8.42
N MET A 57 -20.56 18.50 -7.59
CA MET A 57 -21.01 18.82 -6.23
C MET A 57 -19.87 19.50 -5.48
N VAL A 58 -18.65 19.06 -5.76
CA VAL A 58 -17.47 19.63 -5.11
C VAL A 58 -17.29 21.09 -5.50
N GLU A 59 -17.40 21.38 -6.79
CA GLU A 59 -17.27 22.75 -7.28
C GLU A 59 -18.31 23.68 -6.65
N GLN A 60 -19.52 23.16 -6.44
CA GLN A 60 -20.59 23.98 -5.89
C GLN A 60 -20.40 24.28 -4.40
N MET A 61 -19.96 23.30 -3.63
CA MET A 61 -19.68 23.53 -2.22
C MET A 61 -18.54 24.53 -2.08
N GLN A 62 -17.53 24.38 -2.93
CA GLN A 62 -16.41 25.33 -2.98
C GLN A 62 -16.95 26.74 -3.14
N GLU A 63 -17.86 26.91 -4.10
CA GLU A 63 -18.45 28.21 -4.40
C GLU A 63 -19.23 28.79 -3.21
N ASP A 64 -19.94 27.92 -2.49
CA ASP A 64 -20.67 28.36 -1.30
C ASP A 64 -19.72 28.86 -0.23
N VAL A 65 -18.67 28.07 0.05
CA VAL A 65 -17.72 28.42 1.09
C VAL A 65 -16.92 29.68 0.74
N ILE A 66 -16.65 29.86 -0.54
CA ILE A 66 -15.96 31.07 -0.99
C ILE A 66 -16.82 32.30 -0.73
N SER A 67 -18.10 32.20 -1.07
CA SER A 67 -19.03 33.30 -0.86
C SER A 67 -19.23 33.56 0.63
N LEU A 68 -19.28 32.49 1.42
CA LEU A 68 -19.45 32.62 2.87
C LEU A 68 -18.28 33.36 3.48
N TRP A 69 -17.06 32.94 3.16
CA TRP A 69 -15.86 33.60 3.65
C TRP A 69 -15.76 35.03 3.12
N ASP A 70 -16.17 35.22 1.87
CA ASP A 70 -16.13 36.54 1.25
C ASP A 70 -17.05 37.53 1.96
N GLN A 71 -18.11 37.01 2.57
CA GLN A 71 -19.09 37.86 3.25
C GLN A 71 -18.82 37.93 4.75
N SER A 72 -18.09 36.95 5.26
CA SER A 72 -17.89 36.83 6.70
C SER A 72 -16.48 37.19 7.17
N LEU A 73 -15.48 36.87 6.36
CA LEU A 73 -14.09 37.10 6.76
C LEU A 73 -13.34 38.03 5.82
N GLN A 74 -13.81 39.26 5.69
CA GLN A 74 -13.09 40.26 4.91
C GLN A 74 -11.92 40.81 5.71
N PRO A 75 -10.72 40.76 5.13
CA PRO A 75 -9.49 41.22 5.79
C PRO A 75 -9.34 42.73 5.76
N CYS A 76 -8.43 43.26 6.56
CA CYS A 76 -8.16 44.70 6.60
C CYS A 76 -7.62 45.14 5.25
N VAL A 77 -6.74 44.33 4.67
CA VAL A 77 -6.13 44.63 3.39
C VAL A 77 -6.06 43.39 2.51
N LYS A 78 -6.53 43.52 1.26
CA LYS A 78 -6.46 42.42 0.31
C LYS A 78 -5.50 42.77 -0.82
N LEU A 79 -4.60 41.83 -1.13
CA LEU A 79 -3.62 42.03 -2.19
C LEU A 79 -3.83 41.03 -3.31
N THR A 80 -4.50 41.46 -4.38
CA THR A 80 -4.80 40.58 -5.50
C THR A 80 -4.79 41.31 -6.85
N GLY A 81 -4.10 40.73 -7.82
CA GLY A 81 -4.05 41.29 -9.17
C GLY A 81 -3.27 42.59 -9.28
N GLY A 82 -2.53 42.92 -8.23
CA GLY A 82 -1.72 44.13 -8.23
C GLY A 82 -2.40 45.27 -7.49
N SER A 83 -3.72 45.26 -7.46
CA SER A 83 -4.48 46.30 -6.77
C SER A 83 -4.51 46.03 -5.27
N VAL A 84 -4.65 47.10 -4.49
CA VAL A 84 -4.69 46.98 -3.03
C VAL A 84 -6.06 47.42 -2.50
N ILE A 85 -6.76 46.51 -1.85
CA ILE A 85 -8.08 46.82 -1.30
C ILE A 85 -8.04 46.89 0.22
N LYS A 86 -8.39 48.05 0.76
CA LYS A 86 -8.44 48.24 2.21
C LYS A 86 -9.89 48.38 2.67
N GLN A 87 -10.19 47.88 3.87
CA GLN A 87 -11.54 47.94 4.41
C GLN A 87 -11.57 47.53 5.88
N ALA A 88 -12.72 47.75 6.51
CA ALA A 88 -12.89 47.38 7.91
C ALA A 88 -12.75 45.87 8.10
N CYS A 89 -12.20 45.47 9.24
CA CYS A 89 -11.94 44.05 9.50
C CYS A 89 -12.20 43.70 10.96
N PRO A 90 -13.47 43.82 11.38
CA PRO A 90 -13.85 43.54 12.77
C PRO A 90 -13.77 42.05 13.10
N LYS A 91 -13.52 41.72 14.36
CA LYS A 91 -13.51 40.34 14.80
C LYS A 91 -14.92 39.78 14.74
N ILE A 92 -15.04 38.50 14.42
CA ILE A 92 -16.36 37.88 14.24
C ILE A 92 -16.53 36.64 15.11
N SER A 93 -17.76 36.11 15.14
CA SER A 93 -18.04 34.83 15.75
C SER A 93 -17.97 33.75 14.68
N PHE A 94 -17.10 32.76 14.89
CA PHE A 94 -16.79 31.79 13.85
C PHE A 94 -16.78 30.36 14.38
N ASP A 95 -17.69 29.54 13.87
CA ASP A 95 -17.75 28.13 14.25
C ASP A 95 -18.62 27.35 13.26
N PRO A 96 -17.97 26.63 12.33
CA PRO A 96 -18.64 25.95 11.22
C PRO A 96 -19.82 25.08 11.66
N ILE A 97 -20.91 25.15 10.91
CA ILE A 97 -22.07 24.30 11.15
C ILE A 97 -22.29 23.39 9.95
N PRO A 98 -22.96 22.24 10.17
CA PRO A 98 -23.24 21.27 9.11
C PRO A 98 -24.13 21.86 8.00
N ILE A 99 -23.71 21.69 6.75
CA ILE A 99 -24.47 22.15 5.60
C ILE A 99 -24.88 20.96 4.73
N HIS A 100 -26.17 20.84 4.45
CA HIS A 100 -26.68 19.77 3.59
C HIS A 100 -26.83 20.25 2.15
N TYR A 101 -26.44 19.40 1.20
CA TYR A 101 -26.59 19.72 -0.21
C TYR A 101 -27.68 18.84 -0.85
N CYS A 102 -28.64 19.50 -1.49
CA CYS A 102 -29.84 18.82 -1.96
C CYS A 102 -30.11 19.10 -3.43
N THR A 103 -30.76 18.15 -4.10
CA THR A 103 -31.14 18.29 -5.49
C THR A 103 -32.58 18.79 -5.63
N PRO A 104 -32.85 19.57 -6.68
CA PRO A 104 -34.19 20.07 -6.97
C PRO A 104 -35.03 19.02 -7.69
N ALA A 105 -36.27 19.37 -8.01
CA ALA A 105 -37.18 18.45 -8.69
C ALA A 105 -36.57 17.95 -10.01
N GLY A 106 -36.90 16.72 -10.38
CA GLY A 106 -36.39 16.13 -11.60
C GLY A 106 -35.01 15.52 -11.41
N TYR A 107 -34.42 15.76 -10.25
CA TYR A 107 -33.10 15.24 -9.93
C TYR A 107 -33.08 14.51 -8.60
N VAL A 108 -32.06 13.68 -8.41
CA VAL A 108 -31.88 12.94 -7.16
C VAL A 108 -30.39 12.69 -6.93
N ILE A 109 -30.02 12.50 -5.67
CA ILE A 109 -28.63 12.22 -5.33
C ILE A 109 -28.43 10.73 -5.08
N LEU A 110 -27.53 10.11 -5.84
CA LEU A 110 -27.19 8.72 -5.61
C LEU A 110 -26.08 8.61 -4.58
N LYS A 111 -26.27 7.70 -3.63
CA LYS A 111 -25.32 7.56 -2.53
C LYS A 111 -24.75 6.14 -2.49
N CYS A 112 -23.42 6.04 -2.49
CA CYS A 112 -22.76 4.75 -2.41
C CYS A 112 -22.63 4.31 -0.97
N ASN A 113 -23.19 3.15 -0.66
CA ASN A 113 -23.16 2.62 0.71
C ASN A 113 -22.18 1.46 0.86
N ASP A 114 -21.40 1.21 -0.19
CA ASP A 114 -20.40 0.16 -0.15
C ASP A 114 -19.38 0.41 0.94
N LYS A 115 -19.12 -0.60 1.77
CA LYS A 115 -18.09 -0.52 2.78
C LYS A 115 -16.72 -0.47 2.10
N ASN A 116 -15.85 0.41 2.58
CA ASN A 116 -14.49 0.54 2.05
C ASN A 116 -14.46 1.11 0.64
N PHE A 117 -15.55 1.75 0.24
CA PHE A 117 -15.62 2.41 -1.07
C PHE A 117 -14.54 3.48 -1.19
N ASN A 118 -13.73 3.40 -2.25
CA ASN A 118 -12.59 4.30 -2.40
C ASN A 118 -12.90 5.61 -3.13
N GLY A 119 -14.14 5.73 -3.61
CA GLY A 119 -14.56 6.97 -4.25
C GLY A 119 -14.68 6.89 -5.76
N THR A 120 -14.12 5.84 -6.36
CA THR A 120 -14.18 5.67 -7.80
C THR A 120 -14.57 4.24 -8.17
N GLY A 121 -15.18 4.08 -9.34
CA GLY A 121 -15.55 2.77 -9.82
C GLY A 121 -17.00 2.42 -9.53
N PRO A 122 -17.35 1.14 -9.69
CA PRO A 122 -18.72 0.66 -9.48
C PRO A 122 -19.08 0.56 -8.00
N CYS A 123 -20.35 0.80 -7.69
CA CYS A 123 -20.85 0.66 -6.33
C CYS A 123 -22.03 -0.32 -6.33
N LYS A 124 -21.97 -1.29 -5.43
CA LYS A 124 -23.00 -2.33 -5.37
C LYS A 124 -24.19 -1.89 -4.53
N ASN A 125 -23.91 -1.29 -3.38
CA ASN A 125 -24.94 -0.88 -2.44
C ASN A 125 -25.29 0.60 -2.63
N VAL A 126 -26.30 0.88 -3.45
CA VAL A 126 -26.63 2.24 -3.81
C VAL A 126 -28.03 2.64 -3.35
N SER A 127 -28.15 3.83 -2.77
CA SER A 127 -29.45 4.37 -2.38
C SER A 127 -29.64 5.77 -2.98
N SER A 128 -30.89 6.22 -3.02
CA SER A 128 -31.19 7.55 -3.53
C SER A 128 -31.70 8.44 -2.41
N VAL A 129 -31.24 9.69 -2.40
CA VAL A 129 -31.64 10.66 -1.38
C VAL A 129 -31.81 12.03 -2.00
N GLN A 130 -32.45 12.94 -1.28
CA GLN A 130 -32.63 14.30 -1.76
C GLN A 130 -31.49 15.20 -1.27
N CYS A 131 -30.90 14.82 -0.14
CA CYS A 131 -29.84 15.63 0.47
C CYS A 131 -28.70 14.77 0.97
N THR A 132 -27.48 15.33 0.94
CA THR A 132 -26.33 14.71 1.56
C THR A 132 -26.46 14.82 3.07
N HIS A 133 -25.52 14.22 3.79
CA HIS A 133 -25.46 14.40 5.24
C HIS A 133 -24.95 15.81 5.53
N GLY A 134 -25.01 16.22 6.79
CA GLY A 134 -24.54 17.54 7.17
C GLY A 134 -23.03 17.64 7.12
N ILE A 135 -22.53 18.53 6.26
CA ILE A 135 -21.10 18.68 6.09
C ILE A 135 -20.62 20.05 6.56
N LYS A 136 -19.75 20.05 7.57
CA LYS A 136 -19.14 21.28 8.05
C LYS A 136 -18.03 21.71 7.09
N PRO A 137 -18.13 22.94 6.57
CA PRO A 137 -17.15 23.49 5.63
C PRO A 137 -15.85 23.86 6.33
N VAL A 138 -15.16 22.88 6.91
CA VAL A 138 -13.93 23.14 7.64
C VAL A 138 -12.74 23.29 6.70
N VAL A 139 -12.13 24.47 6.70
CA VAL A 139 -10.99 24.74 5.83
C VAL A 139 -9.68 24.49 6.55
N SER A 140 -8.86 23.61 5.98
CA SER A 140 -7.57 23.28 6.61
C SER A 140 -6.63 22.61 5.61
N THR A 141 -5.36 22.54 6.00
CA THR A 141 -4.36 21.81 5.22
C THR A 141 -3.73 20.71 6.08
N GLN A 142 -3.17 19.71 5.42
CA GLN A 142 -2.49 18.61 6.10
C GLN A 142 -3.45 17.65 6.79
N LEU A 143 -4.19 18.16 7.77
CA LEU A 143 -5.11 17.33 8.54
C LEU A 143 -6.56 17.74 8.28
N LEU A 144 -7.42 16.76 8.04
CA LEU A 144 -8.84 17.02 7.89
C LEU A 144 -9.50 16.97 9.26
N LEU A 145 -10.31 17.99 9.58
CA LEU A 145 -10.85 18.13 10.93
C LEU A 145 -12.38 18.08 10.97
N ASN A 146 -12.90 17.47 12.03
CA ASN A 146 -14.34 17.42 12.28
C ASN A 146 -15.15 16.85 11.12
N GLY A 147 -14.53 15.94 10.36
CA GLY A 147 -15.21 15.31 9.25
C GLY A 147 -15.80 13.96 9.63
N SER A 148 -16.35 13.26 8.64
CA SER A 148 -16.92 11.94 8.87
C SER A 148 -15.82 10.88 8.87
N LEU A 149 -16.05 9.80 9.59
CA LEU A 149 -15.09 8.70 9.66
C LEU A 149 -15.50 7.55 8.76
N ALA A 150 -14.51 6.87 8.18
CA ALA A 150 -14.78 5.64 7.45
C ALA A 150 -15.39 4.63 8.43
N GLU A 151 -16.35 3.84 7.95
CA GLU A 151 -17.09 2.94 8.83
C GLU A 151 -16.35 1.64 9.12
N GLU A 152 -15.51 1.20 8.18
CA GLU A 152 -14.78 -0.05 8.34
C GLU A 152 -13.28 0.19 8.46
N GLU A 153 -12.55 -0.19 7.42
CA GLU A 153 -11.10 -0.01 7.42
C GLU A 153 -10.73 1.39 6.97
N ILE A 154 -9.50 1.80 7.25
CA ILE A 154 -8.97 3.05 6.76
C ILE A 154 -8.93 3.01 5.24
N ILE A 155 -9.37 4.11 4.61
CA ILE A 155 -9.47 4.15 3.16
C ILE A 155 -8.46 5.12 2.54
N ILE A 156 -7.77 4.66 1.50
CA ILE A 156 -6.86 5.50 0.75
C ILE A 156 -7.56 5.99 -0.52
N ARG A 157 -7.55 7.29 -0.74
CA ARG A 157 -8.22 7.87 -1.89
C ARG A 157 -7.26 8.65 -2.76
N SER A 158 -7.38 8.47 -4.07
CA SER A 158 -6.55 9.20 -5.03
C SER A 158 -7.07 9.03 -6.44
N GLU A 159 -7.02 10.09 -7.22
CA GLU A 159 -7.44 10.03 -8.62
C GLU A 159 -6.51 9.10 -9.41
N ASN A 160 -5.31 8.91 -8.89
CA ASN A 160 -4.31 8.08 -9.54
C ASN A 160 -3.06 7.94 -8.68
N LEU A 161 -3.01 6.89 -7.87
CA LEU A 161 -1.89 6.67 -6.95
C LEU A 161 -0.55 6.67 -7.67
N THR A 162 -0.52 6.10 -8.86
CA THR A 162 0.71 6.00 -9.64
C THR A 162 1.26 7.38 -10.01
N ASN A 163 0.38 8.38 -10.00
CA ASN A 163 0.78 9.75 -10.28
C ASN A 163 1.03 10.51 -8.98
N ASN A 164 2.30 10.74 -8.66
CA ASN A 164 2.68 11.38 -7.40
C ASN A 164 2.24 12.84 -7.33
N ALA A 165 1.81 13.39 -8.45
CA ALA A 165 1.35 14.78 -8.49
C ALA A 165 -0.09 14.90 -7.99
N LYS A 166 -0.77 13.76 -7.87
CA LYS A 166 -2.14 13.75 -7.40
C LYS A 166 -2.21 13.54 -5.89
N THR A 167 -2.98 14.39 -5.21
CA THR A 167 -3.08 14.35 -3.77
C THR A 167 -3.70 13.05 -3.29
N ILE A 168 -3.24 12.57 -2.14
CA ILE A 168 -3.81 11.38 -1.52
C ILE A 168 -4.63 11.79 -0.31
N ILE A 169 -5.86 11.30 -0.25
CA ILE A 169 -6.71 11.52 0.93
C ILE A 169 -6.79 10.24 1.75
N VAL A 170 -6.29 10.30 2.98
CA VAL A 170 -6.42 9.19 3.91
C VAL A 170 -7.66 9.37 4.77
N HIS A 171 -8.57 8.41 4.71
CA HIS A 171 -9.80 8.48 5.48
C HIS A 171 -9.72 7.59 6.71
N LEU A 172 -9.61 8.20 7.88
CA LEU A 172 -9.46 7.46 9.13
C LEU A 172 -10.76 6.81 9.57
N ASN A 173 -10.65 5.67 10.23
CA ASN A 173 -11.83 4.98 10.78
C ASN A 173 -11.94 5.20 12.28
N LYS A 174 -11.02 5.99 12.83
CA LYS A 174 -11.04 6.36 14.24
C LYS A 174 -10.49 7.77 14.43
N SER A 175 -11.16 8.57 15.24
CA SER A 175 -10.76 9.94 15.47
C SER A 175 -9.57 10.06 16.42
N VAL A 176 -8.69 11.01 16.12
CA VAL A 176 -7.63 11.40 17.04
C VAL A 176 -7.77 12.88 17.33
N GLU A 177 -8.06 13.22 18.58
CA GLU A 177 -8.31 14.61 18.97
C GLU A 177 -7.04 15.45 18.93
N ILE A 178 -7.17 16.66 18.41
CA ILE A 178 -6.09 17.64 18.44
C ILE A 178 -6.53 18.86 19.23
N ASN A 179 -5.83 19.15 20.33
CA ASN A 179 -6.22 20.21 21.25
C ASN A 179 -5.36 21.45 21.09
N CYS A 180 -5.90 22.47 20.45
CA CYS A 180 -5.15 23.68 20.15
C CYS A 180 -5.56 24.86 21.02
N THR A 181 -4.57 25.53 21.61
CA THR A 181 -4.84 26.62 22.53
C THR A 181 -3.87 27.79 22.38
N ARG A 182 -4.42 29.00 22.39
CA ARG A 182 -3.63 30.21 22.54
C ARG A 182 -3.94 30.76 23.93
N PRO A 183 -3.04 30.51 24.90
CA PRO A 183 -3.26 30.86 26.31
C PRO A 183 -3.55 32.35 26.50
N SER A 184 -4.34 32.65 27.53
CA SER A 184 -4.74 34.03 27.82
C SER A 184 -3.55 34.93 28.12
N ASN A 185 -2.94 34.74 29.28
CA ASN A 185 -1.79 35.55 29.69
C ASN A 185 -0.53 34.72 29.91
N GLY A 192 4.21 36.64 26.66
CA GLY A 192 5.10 37.56 25.99
C GLY A 192 4.93 37.52 24.48
N ASP A 193 3.93 36.76 24.02
CA ASP A 193 3.67 36.65 22.60
C ASP A 193 2.22 36.21 22.33
N ILE A 194 1.39 37.18 21.97
CA ILE A 194 -0.04 36.93 21.77
C ILE A 194 -0.32 36.00 20.59
N ARG A 195 0.71 35.67 19.82
CA ARG A 195 0.54 34.83 18.64
C ARG A 195 1.05 33.41 18.84
N LYS A 196 1.82 33.19 19.90
CA LYS A 196 2.30 31.85 20.22
C LYS A 196 1.14 30.97 20.68
N ALA A 197 1.08 29.77 20.14
CA ALA A 197 0.06 28.79 20.53
C ALA A 197 0.62 27.39 20.41
N TYR A 198 -0.21 26.39 20.70
CA TYR A 198 0.23 25.01 20.64
C TYR A 198 -0.93 24.03 20.51
N CYS A 199 -0.65 22.87 19.93
CA CYS A 199 -1.63 21.81 19.81
C CYS A 199 -1.16 20.56 20.53
N GLU A 200 -2.00 20.04 21.41
CA GLU A 200 -1.68 18.81 22.13
C GLU A 200 -2.41 17.60 21.53
N ILE A 201 -1.67 16.52 21.37
CA ILE A 201 -2.21 15.31 20.75
C ILE A 201 -1.72 14.08 21.48
N ASN A 202 -2.64 13.15 21.77
CA ASN A 202 -2.29 11.91 22.42
C ASN A 202 -1.35 11.09 21.56
N GLY A 203 -0.09 11.01 21.97
CA GLY A 203 0.93 10.31 21.21
C GLY A 203 0.61 8.85 20.95
N THR A 204 0.07 8.18 21.96
CA THR A 204 -0.27 6.77 21.84
C THR A 204 -1.29 6.54 20.73
N LYS A 205 -2.35 7.34 20.75
CA LYS A 205 -3.42 7.22 19.75
C LYS A 205 -2.92 7.56 18.35
N TRP A 206 -2.14 8.63 18.23
CA TRP A 206 -1.66 9.07 16.93
C TRP A 206 -0.73 8.07 16.27
N ASN A 207 0.25 7.60 17.03
CA ASN A 207 1.22 6.64 16.51
C ASN A 207 0.58 5.31 16.12
N LYS A 208 -0.46 4.92 16.85
CA LYS A 208 -1.17 3.69 16.57
C LYS A 208 -1.94 3.82 15.25
N VAL A 209 -2.65 4.93 15.11
CA VAL A 209 -3.39 5.19 13.88
C VAL A 209 -2.45 5.33 12.69
N LEU A 210 -1.36 6.06 12.88
CA LEU A 210 -0.41 6.29 11.80
C LEU A 210 0.23 4.98 11.34
N LYS A 211 0.44 4.06 12.27
CA LYS A 211 0.96 2.74 11.93
C LYS A 211 -0.06 1.98 11.11
N GLN A 212 -1.34 2.13 11.46
CA GLN A 212 -2.42 1.52 10.70
C GLN A 212 -2.49 2.08 9.29
N VAL A 213 -2.22 3.37 9.16
CA VAL A 213 -2.18 4.02 7.86
C VAL A 213 -1.01 3.48 7.03
N THR A 214 0.12 3.26 7.70
CA THR A 214 1.29 2.71 7.05
C THR A 214 0.98 1.35 6.44
N GLU A 215 0.39 0.47 7.26
CA GLU A 215 0.02 -0.86 6.80
C GLU A 215 -0.97 -0.80 5.64
N LYS A 216 -1.84 0.20 5.66
CA LYS A 216 -2.84 0.36 4.61
C LYS A 216 -2.19 0.80 3.31
N LEU A 217 -1.25 1.73 3.39
CA LEU A 217 -0.53 2.21 2.23
C LEU A 217 0.28 1.10 1.58
N LYS A 218 0.74 0.14 2.39
CA LYS A 218 1.47 -1.01 1.88
C LYS A 218 0.63 -1.80 0.89
N GLU A 219 -0.65 -1.97 1.22
CA GLU A 219 -1.56 -2.73 0.36
C GLU A 219 -1.67 -2.10 -1.02
N HIS A 220 -1.46 -0.79 -1.10
CA HIS A 220 -1.58 -0.07 -2.36
C HIS A 220 -0.24 0.10 -3.07
N PHE A 221 0.85 -0.06 -2.33
CA PHE A 221 2.18 0.11 -2.90
C PHE A 221 3.04 -1.16 -2.81
N ASN A 222 2.42 -2.29 -3.12
CA ASN A 222 3.13 -3.55 -3.27
C ASN A 222 4.05 -3.91 -2.09
N ASN A 223 3.61 -3.58 -0.88
CA ASN A 223 4.38 -3.88 0.32
C ASN A 223 5.72 -3.17 0.40
N LYS A 224 5.86 -2.07 -0.31
CA LYS A 224 7.06 -1.24 -0.21
C LYS A 224 7.11 -0.60 1.18
N THR A 225 8.30 -0.18 1.59
CA THR A 225 8.47 0.44 2.90
C THR A 225 7.91 1.86 2.91
N ILE A 226 7.01 2.12 3.85
CA ILE A 226 6.33 3.42 3.91
C ILE A 226 7.02 4.37 4.88
N ILE A 227 7.45 5.51 4.37
CA ILE A 227 8.15 6.50 5.18
C ILE A 227 7.41 7.83 5.21
N PHE A 228 7.26 8.41 6.40
CA PHE A 228 6.68 9.74 6.54
C PHE A 228 7.77 10.78 6.76
N GLN A 229 7.59 11.94 6.16
CA GLN A 229 8.54 13.03 6.30
C GLN A 229 7.84 14.39 6.25
N PRO A 230 8.40 15.38 6.94
CA PRO A 230 7.86 16.75 6.90
C PRO A 230 7.90 17.29 5.48
N PRO A 231 7.05 18.27 5.17
CA PRO A 231 7.03 18.88 3.84
C PRO A 231 8.43 19.35 3.43
N SER A 232 8.76 19.22 2.15
CA SER A 232 10.07 19.62 1.66
C SER A 232 10.20 21.14 1.62
N GLY A 233 9.17 21.80 1.08
CA GLY A 233 9.16 23.25 1.00
C GLY A 233 7.79 23.76 0.62
N GLY A 234 7.73 25.01 0.16
CA GLY A 234 6.46 25.61 -0.23
C GLY A 234 5.97 26.64 0.77
N ASP A 235 4.79 27.19 0.53
CA ASP A 235 4.22 28.21 1.40
C ASP A 235 3.84 27.64 2.77
N LEU A 236 3.76 28.52 3.76
CA LEU A 236 3.48 28.11 5.13
C LEU A 236 2.14 27.41 5.28
N GLU A 237 1.15 27.82 4.48
CA GLU A 237 -0.17 27.21 4.54
C GLU A 237 -0.10 25.71 4.24
N ILE A 238 0.93 25.30 3.52
CA ILE A 238 1.08 23.91 3.11
C ILE A 238 2.09 23.15 3.97
N THR A 239 3.22 23.80 4.26
CA THR A 239 4.26 23.17 5.05
C THR A 239 3.80 22.97 6.50
N MET A 240 2.80 23.74 6.91
CA MET A 240 2.27 23.62 8.26
C MET A 240 0.77 23.30 8.23
N HIS A 241 0.29 22.71 9.32
CA HIS A 241 -1.14 22.45 9.46
C HIS A 241 -1.87 23.77 9.67
N SER A 242 -2.54 24.24 8.63
CA SER A 242 -3.28 25.49 8.69
C SER A 242 -4.77 25.25 8.90
N PHE A 243 -5.39 26.09 9.74
CA PHE A 243 -6.81 25.98 10.02
C PHE A 243 -7.28 27.25 10.72
N ASN A 244 -8.60 27.47 10.74
CA ASN A 244 -9.16 28.63 11.41
C ASN A 244 -9.89 28.24 12.69
N CYS A 245 -9.43 28.78 13.81
CA CYS A 245 -10.06 28.52 15.10
C CYS A 245 -10.62 29.81 15.69
N ARG A 246 -11.94 29.87 15.83
CA ARG A 246 -12.63 31.03 16.38
C ARG A 246 -12.29 32.31 15.61
N GLY A 247 -12.09 32.19 14.31
CA GLY A 247 -11.80 33.34 13.47
C GLY A 247 -10.31 33.57 13.27
N GLU A 248 -9.50 32.96 14.13
CA GLU A 248 -8.05 33.15 14.07
C GLU A 248 -7.39 32.06 13.23
N PHE A 249 -6.44 32.45 12.38
CA PHE A 249 -5.73 31.49 11.54
C PHE A 249 -4.54 30.87 12.27
N PHE A 250 -4.63 29.57 12.52
CA PHE A 250 -3.57 28.84 13.20
C PHE A 250 -2.66 28.11 12.23
N TYR A 251 -1.35 28.29 12.42
CA TYR A 251 -0.34 27.56 11.64
C TYR A 251 0.48 26.71 12.60
N CYS A 252 0.36 25.39 12.47
CA CYS A 252 1.01 24.47 13.41
C CYS A 252 2.10 23.64 12.76
N ASN A 253 3.23 23.50 13.45
CA ASN A 253 4.35 22.69 12.99
C ASN A 253 4.11 21.21 13.29
N THR A 254 3.86 20.43 12.25
CA THR A 254 3.50 19.03 12.42
C THR A 254 4.67 18.06 12.27
N THR A 255 5.89 18.59 12.37
CA THR A 255 7.08 17.76 12.25
C THR A 255 7.05 16.58 13.22
N GLN A 256 6.57 16.83 14.44
CA GLN A 256 6.52 15.78 15.46
C GLN A 256 5.53 14.66 15.11
N LEU A 257 4.53 14.99 14.31
CA LEU A 257 3.52 14.00 13.93
C LEU A 257 4.03 13.03 12.86
N PHE A 258 4.86 13.52 11.95
CA PHE A 258 5.27 12.73 10.81
C PHE A 258 6.77 12.37 10.81
N ASN A 259 7.20 11.67 11.85
CA ASN A 259 8.56 11.13 11.89
C ASN A 259 8.57 9.63 12.14
N ASN A 260 8.92 8.86 11.11
CA ASN A 260 8.93 7.40 11.21
C ASN A 260 9.91 6.87 12.26
N THR A 261 9.61 7.15 13.53
CA THR A 261 10.43 6.66 14.63
C THR A 261 9.56 5.97 15.67
N CYS A 262 8.49 6.65 16.07
CA CYS A 262 7.56 6.12 17.06
C CYS A 262 6.57 5.12 16.44
N ILE A 263 7.09 4.23 15.60
CA ILE A 263 6.26 3.24 14.92
C ILE A 263 6.79 1.84 15.15
N ASN A 272 4.77 8.23 22.83
CA ASN A 272 3.97 7.61 23.89
C ASN A 272 3.21 8.66 24.70
N GLY A 273 3.92 9.69 25.14
CA GLY A 273 3.32 10.75 25.91
C GLY A 273 2.52 11.72 25.05
N THR A 274 2.30 12.92 25.58
CA THR A 274 1.56 13.94 24.84
C THR A 274 2.44 14.66 23.83
N ILE A 275 1.93 14.83 22.62
CA ILE A 275 2.65 15.56 21.58
C ILE A 275 2.21 17.01 21.55
N THR A 276 3.13 17.92 21.85
CA THR A 276 2.84 19.34 21.82
C THR A 276 3.41 20.01 20.58
N LEU A 277 2.53 20.36 19.65
CA LEU A 277 2.94 21.04 18.42
C LEU A 277 3.00 22.55 18.63
N PRO A 278 4.13 23.16 18.25
CA PRO A 278 4.25 24.62 18.32
C PRO A 278 3.44 25.30 17.22
N CYS A 279 2.60 26.26 17.59
CA CYS A 279 1.77 26.96 16.62
C CYS A 279 1.96 28.48 16.72
N LYS A 280 1.43 29.18 15.74
CA LYS A 280 1.42 30.65 15.76
C LYS A 280 0.24 31.17 14.96
N ILE A 281 -0.44 32.17 15.52
CA ILE A 281 -1.53 32.83 14.81
C ILE A 281 -0.97 33.87 13.85
N LYS A 282 -1.29 33.74 12.57
CA LYS A 282 -0.81 34.67 11.56
C LYS A 282 -1.90 35.63 11.12
N GLN A 283 -1.52 36.87 10.86
CA GLN A 283 -2.47 37.88 10.38
C GLN A 283 -2.44 37.94 8.86
N ILE A 284 -1.26 37.73 8.28
CA ILE A 284 -1.10 37.76 6.83
C ILE A 284 -1.19 36.34 6.26
N ILE A 285 -2.20 36.11 5.43
CA ILE A 285 -2.48 34.78 4.91
C ILE A 285 -2.47 34.72 3.39
N ASN A 286 -2.02 33.59 2.86
CA ASN A 286 -2.20 33.29 1.44
C ASN A 286 -3.59 32.66 1.26
N MET A 287 -4.43 33.32 0.48
CA MET A 287 -5.82 32.91 0.37
C MET A 287 -6.01 31.57 -0.34
N TRP A 288 -6.81 30.70 0.27
CA TRP A 288 -7.13 29.41 -0.33
C TRP A 288 -8.10 29.58 -1.49
N GLN A 289 -8.73 30.75 -1.56
CA GLN A 289 -9.65 31.06 -2.64
C GLN A 289 -8.90 31.24 -3.95
N GLY A 290 -7.59 31.49 -3.84
CA GLY A 290 -6.74 31.62 -5.01
C GLY A 290 -6.44 33.06 -5.39
N THR A 291 -7.16 33.99 -4.78
CA THR A 291 -7.00 35.41 -5.10
C THR A 291 -5.57 35.88 -4.91
N GLY A 292 -5.19 36.17 -3.67
CA GLY A 292 -3.85 36.66 -3.37
C GLY A 292 -3.48 36.54 -1.91
N GLN A 293 -3.23 37.68 -1.27
CA GLN A 293 -2.86 37.71 0.13
C GLN A 293 -3.84 38.55 0.93
N ALA A 294 -4.09 38.16 2.17
CA ALA A 294 -5.01 38.88 3.03
C ALA A 294 -4.41 39.08 4.42
N MET A 295 -4.65 40.25 5.00
CA MET A 295 -4.17 40.55 6.35
C MET A 295 -5.32 40.86 7.29
N TYR A 296 -5.37 40.16 8.42
CA TYR A 296 -6.40 40.38 9.42
C TYR A 296 -5.83 41.02 10.67
N ALA A 297 -6.71 41.51 11.53
CA ALA A 297 -6.30 42.14 12.78
C ALA A 297 -5.70 41.13 13.74
N PRO A 298 -4.96 41.62 14.76
CA PRO A 298 -4.34 40.77 15.78
C PRO A 298 -5.37 39.92 16.51
N PRO A 299 -4.93 38.85 17.18
CA PRO A 299 -5.83 37.93 17.88
C PRO A 299 -6.60 38.63 19.00
N ILE A 300 -7.82 38.15 19.25
CA ILE A 300 -8.60 38.62 20.40
C ILE A 300 -7.93 38.16 21.67
N ASP A 301 -8.23 38.83 22.78
CA ASP A 301 -7.65 38.46 24.07
C ASP A 301 -8.37 37.25 24.67
N GLY A 302 -7.82 36.71 25.75
CA GLY A 302 -8.42 35.56 26.41
C GLY A 302 -7.94 34.24 25.85
N LYS A 303 -8.49 33.14 26.35
CA LYS A 303 -8.12 31.82 25.90
C LYS A 303 -8.78 31.48 24.57
N ILE A 304 -7.95 31.24 23.55
CA ILE A 304 -8.43 30.84 22.24
C ILE A 304 -8.20 29.33 22.07
N ASN A 305 -9.27 28.56 22.12
CA ASN A 305 -9.17 27.10 22.16
C ASN A 305 -10.13 26.39 21.22
N CYS A 306 -9.60 25.43 20.47
CA CYS A 306 -10.40 24.58 19.59
C CYS A 306 -9.95 23.13 19.71
N VAL A 307 -10.88 22.27 20.11
CA VAL A 307 -10.63 20.83 20.15
C VAL A 307 -11.30 20.18 18.96
N SER A 308 -10.50 19.57 18.09
CA SER A 308 -11.01 19.02 16.85
C SER A 308 -10.73 17.52 16.72
N ASN A 309 -11.55 16.85 15.91
CA ASN A 309 -11.28 15.47 15.54
C ASN A 309 -10.48 15.41 14.26
N ILE A 310 -9.32 14.76 14.30
CA ILE A 310 -8.60 14.45 13.07
C ILE A 310 -9.28 13.23 12.47
N THR A 311 -9.84 13.41 11.28
CA THR A 311 -10.62 12.35 10.64
C THR A 311 -10.02 11.92 9.30
N GLY A 312 -9.01 12.65 8.85
CA GLY A 312 -8.35 12.33 7.61
C GLY A 312 -7.03 13.06 7.47
N ILE A 313 -6.23 12.63 6.49
CA ILE A 313 -4.94 13.24 6.24
C ILE A 313 -4.72 13.46 4.75
N LEU A 314 -4.12 14.60 4.40
CA LEU A 314 -3.78 14.90 3.02
C LEU A 314 -2.30 14.66 2.80
N LEU A 315 -1.97 13.75 1.88
CA LEU A 315 -0.59 13.36 1.65
C LEU A 315 -0.16 13.58 0.21
N THR A 316 1.11 13.91 0.02
CA THR A 316 1.73 13.94 -1.29
C THR A 316 2.92 13.00 -1.30
N ARG A 317 3.03 12.16 -2.32
CA ARG A 317 4.08 11.16 -2.39
C ARG A 317 5.29 11.66 -3.16
N ASP A 318 6.48 11.37 -2.63
CA ASP A 318 7.73 11.75 -3.28
C ASP A 318 7.92 11.00 -4.58
N GLY A 319 8.43 11.69 -5.60
CA GLY A 319 8.75 11.06 -6.85
C GLY A 319 10.18 10.56 -6.84
N GLY A 320 10.55 9.77 -7.85
CA GLY A 320 11.90 9.29 -8.00
C GLY A 320 12.29 8.17 -7.04
N ALA A 321 11.30 7.38 -6.62
CA ALA A 321 11.57 6.28 -5.69
C ALA A 321 11.32 4.91 -6.33
N ASN A 322 11.11 4.90 -7.64
CA ASN A 322 10.80 3.66 -8.36
C ASN A 322 11.87 2.58 -8.24
N ASN A 323 13.13 3.00 -8.15
CA ASN A 323 14.24 2.05 -8.06
C ASN A 323 14.66 1.76 -6.62
N THR A 324 13.79 2.09 -5.68
CA THR A 324 14.05 1.84 -4.27
C THR A 324 12.87 1.13 -3.62
N SER A 325 13.09 0.54 -2.45
CA SER A 325 12.04 -0.18 -1.74
C SER A 325 11.24 0.74 -0.83
N ASN A 326 11.51 2.03 -0.92
CA ASN A 326 10.82 3.01 -0.10
C ASN A 326 9.84 3.88 -0.87
N GLU A 327 8.77 4.29 -0.19
CA GLU A 327 7.88 5.33 -0.70
C GLU A 327 7.76 6.38 0.40
N THR A 328 8.02 7.64 0.05
CA THR A 328 7.98 8.70 1.04
C THR A 328 6.71 9.53 0.92
N PHE A 329 6.04 9.74 2.05
CA PHE A 329 4.81 10.51 2.09
C PHE A 329 4.94 11.72 3.01
N ARG A 330 4.46 12.86 2.54
CA ARG A 330 4.55 14.10 3.30
C ARG A 330 3.17 14.76 3.37
N PRO A 331 2.85 15.36 4.53
CA PRO A 331 1.57 16.07 4.68
C PRO A 331 1.46 17.19 3.66
N GLY A 332 0.28 17.37 3.08
CA GLY A 332 0.09 18.38 2.05
C GLY A 332 -1.27 19.06 2.11
N GLY A 333 -1.77 19.47 0.94
CA GLY A 333 -3.04 20.16 0.85
C GLY A 333 -2.91 21.47 0.11
N GLY A 334 -3.85 22.39 0.33
CA GLY A 334 -3.83 23.67 -0.33
C GLY A 334 -5.02 23.84 -1.27
N ASN A 335 -5.45 22.74 -1.88
CA ASN A 335 -6.64 22.73 -2.71
C ASN A 335 -7.85 22.31 -1.88
N ILE A 336 -8.58 23.30 -1.40
CA ILE A 336 -9.67 23.06 -0.46
C ILE A 336 -10.77 22.19 -1.05
N LYS A 337 -10.80 22.08 -2.38
CA LYS A 337 -11.76 21.21 -3.04
C LYS A 337 -11.57 19.76 -2.58
N ASP A 338 -10.32 19.39 -2.31
CA ASP A 338 -10.03 18.06 -1.77
C ASP A 338 -10.71 17.85 -0.43
N ASN A 339 -10.80 18.92 0.36
CA ASN A 339 -11.47 18.85 1.65
C ASN A 339 -12.94 18.45 1.49
N TRP A 340 -13.60 19.05 0.51
CA TRP A 340 -15.01 18.75 0.27
C TRP A 340 -15.16 17.36 -0.34
N ARG A 341 -14.20 16.98 -1.18
CA ARG A 341 -14.21 15.65 -1.79
C ARG A 341 -14.20 14.56 -0.71
N SER A 342 -13.45 14.80 0.36
CA SER A 342 -13.32 13.83 1.44
C SER A 342 -14.67 13.52 2.08
N GLU A 343 -15.65 14.38 1.84
CA GLU A 343 -16.98 14.21 2.41
C GLU A 343 -18.04 13.90 1.36
N LEU A 344 -17.80 14.34 0.12
CA LEU A 344 -18.77 14.20 -0.95
C LEU A 344 -18.50 13.01 -1.87
N TYR A 345 -17.46 12.25 -1.55
CA TYR A 345 -17.00 11.16 -2.42
C TYR A 345 -18.10 10.15 -2.75
N LYS A 346 -19.01 9.92 -1.82
CA LYS A 346 -20.00 8.86 -1.97
C LYS A 346 -21.28 9.32 -2.68
N TYR A 347 -21.30 10.56 -3.14
CA TYR A 347 -22.50 11.12 -3.74
C TYR A 347 -22.31 11.47 -5.22
N LYS A 348 -23.39 11.39 -5.98
CA LYS A 348 -23.41 11.90 -7.36
C LYS A 348 -24.83 12.29 -7.73
N VAL A 349 -24.95 13.28 -8.62
CA VAL A 349 -26.25 13.76 -9.05
C VAL A 349 -26.70 13.08 -10.34
N VAL A 350 -27.97 12.68 -10.40
CA VAL A 350 -28.53 12.10 -11.61
C VAL A 350 -29.87 12.77 -11.94
N GLN A 351 -30.22 12.77 -13.21
CA GLN A 351 -31.47 13.34 -13.67
C GLN A 351 -32.50 12.25 -13.92
N ILE A 352 -33.71 12.43 -13.39
CA ILE A 352 -34.77 11.43 -13.49
C ILE A 352 -35.77 11.78 -14.58
N GLU A 353 -36.55 10.80 -15.01
CA GLU A 353 -37.57 11.00 -16.03
C GLU A 353 -38.78 10.11 -15.78
N VAL B 1 -18.44 -35.87 -3.52
CA VAL B 1 -17.46 -36.74 -4.16
C VAL B 1 -16.53 -35.95 -5.08
N TRP B 2 -15.22 -36.15 -4.91
CA TRP B 2 -14.24 -35.49 -5.75
C TRP B 2 -13.01 -36.37 -5.94
N LYS B 3 -12.24 -36.07 -6.99
CA LYS B 3 -11.02 -36.82 -7.29
C LYS B 3 -9.91 -35.85 -7.69
N ASP B 4 -8.66 -36.26 -7.47
CA ASP B 4 -7.53 -35.46 -7.91
C ASP B 4 -7.57 -35.32 -9.42
N ALA B 5 -7.27 -34.12 -9.91
CA ALA B 5 -7.33 -33.86 -11.34
C ALA B 5 -6.51 -32.64 -11.74
N ASP B 6 -6.18 -32.54 -13.01
CA ASP B 6 -5.47 -31.39 -13.54
C ASP B 6 -6.31 -30.73 -14.62
N THR B 7 -6.38 -29.40 -14.57
CA THR B 7 -7.16 -28.65 -15.55
C THR B 7 -6.50 -27.32 -15.87
N THR B 8 -7.12 -26.54 -16.75
CA THR B 8 -6.61 -25.24 -17.13
C THR B 8 -6.97 -24.20 -16.08
N LEU B 9 -5.97 -23.75 -15.33
CA LEU B 9 -6.19 -22.73 -14.31
C LEU B 9 -6.17 -21.34 -14.94
N PHE B 10 -6.87 -20.40 -14.31
CA PHE B 10 -6.78 -19.01 -14.72
C PHE B 10 -6.21 -18.18 -13.57
N CYS B 11 -5.76 -16.97 -13.87
CA CYS B 11 -5.14 -16.13 -12.85
C CYS B 11 -5.94 -14.88 -12.54
N ALA B 12 -5.80 -14.38 -11.31
CA ALA B 12 -6.45 -13.15 -10.90
C ALA B 12 -5.45 -12.27 -10.17
N SER B 13 -5.57 -10.95 -10.34
CA SER B 13 -4.67 -10.01 -9.71
C SER B 13 -5.30 -8.64 -9.62
N ASP B 14 -4.57 -7.69 -9.05
CA ASP B 14 -5.05 -6.32 -8.92
C ASP B 14 -4.14 -5.37 -9.70
N ALA B 15 -3.72 -5.81 -10.89
CA ALA B 15 -2.84 -5.01 -11.72
C ALA B 15 -3.54 -3.77 -12.27
N LYS B 16 -2.74 -2.74 -12.56
CA LYS B 16 -3.26 -1.52 -13.15
C LYS B 16 -2.96 -1.46 -14.64
N ALA B 17 -3.97 -1.09 -15.43
CA ALA B 17 -3.86 -1.14 -16.88
C ALA B 17 -3.18 0.10 -17.48
N HIS B 18 -2.72 1.00 -16.62
CA HIS B 18 -2.08 2.23 -17.10
C HIS B 18 -0.57 2.21 -16.84
N GLU B 19 -0.11 1.24 -16.06
CA GLU B 19 1.31 1.15 -15.69
C GLU B 19 2.14 0.44 -16.75
N THR B 20 3.41 0.83 -16.85
CA THR B 20 4.33 0.18 -17.79
C THR B 20 5.09 -0.96 -17.13
N GLU B 21 4.96 -1.06 -15.81
CA GLU B 21 5.59 -2.15 -15.06
C GLU B 21 5.17 -3.49 -15.64
N VAL B 22 6.15 -4.31 -16.00
CA VAL B 22 5.91 -5.53 -16.78
C VAL B 22 4.90 -6.50 -16.16
N HIS B 23 5.04 -6.79 -14.87
CA HIS B 23 4.12 -7.71 -14.21
C HIS B 23 2.69 -7.22 -14.31
N ASN B 24 2.49 -5.91 -14.12
CA ASN B 24 1.17 -5.30 -14.27
C ASN B 24 0.61 -5.48 -15.67
N VAL B 25 1.45 -5.19 -16.67
CA VAL B 25 1.04 -5.30 -18.07
C VAL B 25 0.60 -6.73 -18.41
N TRP B 26 1.41 -7.70 -17.98
CA TRP B 26 1.11 -9.11 -18.24
C TRP B 26 -0.20 -9.54 -17.57
N ALA B 27 -0.35 -9.19 -16.30
CA ALA B 27 -1.55 -9.56 -15.54
C ALA B 27 -2.78 -8.87 -16.09
N THR B 28 -2.60 -7.68 -16.66
CA THR B 28 -3.69 -6.93 -17.25
C THR B 28 -4.23 -7.63 -18.49
N HIS B 29 -3.36 -8.36 -19.17
CA HIS B 29 -3.74 -9.05 -20.40
C HIS B 29 -4.06 -10.53 -20.16
N ALA B 30 -3.55 -11.08 -19.07
CA ALA B 30 -3.64 -12.51 -18.83
C ALA B 30 -4.53 -12.89 -17.65
N CYS B 31 -4.86 -11.92 -16.80
CA CYS B 31 -5.60 -12.21 -15.57
C CYS B 31 -6.91 -11.44 -15.45
N VAL B 32 -7.76 -11.90 -14.55
CA VAL B 32 -9.00 -11.21 -14.23
C VAL B 32 -8.89 -10.58 -12.85
N PRO B 33 -9.81 -9.67 -12.52
CA PRO B 33 -9.81 -9.02 -11.20
C PRO B 33 -9.97 -10.03 -10.08
N THR B 34 -9.43 -9.71 -8.91
CA THR B 34 -9.52 -10.60 -7.76
C THR B 34 -10.90 -10.51 -7.10
N ASP B 35 -11.22 -11.50 -6.27
CA ASP B 35 -12.47 -11.49 -5.53
C ASP B 35 -12.25 -10.84 -4.17
N PRO B 36 -12.90 -9.68 -3.94
CA PRO B 36 -12.74 -8.91 -2.70
C PRO B 36 -13.16 -9.70 -1.47
N ASN B 37 -14.10 -10.63 -1.64
CA ASN B 37 -14.55 -11.47 -0.54
C ASN B 37 -14.74 -12.93 -0.96
N PRO B 38 -13.62 -13.67 -1.04
CA PRO B 38 -13.64 -15.08 -1.46
C PRO B 38 -14.18 -15.99 -0.38
N GLN B 39 -14.96 -17.00 -0.78
CA GLN B 39 -15.52 -17.96 0.15
C GLN B 39 -14.50 -19.08 0.45
N GLU B 40 -14.45 -19.51 1.70
CA GLU B 40 -13.61 -20.64 2.08
C GLU B 40 -14.39 -21.62 2.95
N ILE B 41 -14.59 -22.83 2.43
CA ILE B 41 -15.38 -23.83 3.11
C ILE B 41 -14.51 -24.90 3.77
N HIS B 42 -14.58 -25.00 5.09
CA HIS B 42 -13.84 -26.02 5.82
C HIS B 42 -14.55 -27.37 5.70
N LEU B 43 -13.82 -28.37 5.23
CA LEU B 43 -14.40 -29.70 5.05
C LEU B 43 -14.33 -30.52 6.33
N GLU B 44 -15.49 -30.81 6.91
CA GLU B 44 -15.57 -31.54 8.17
C GLU B 44 -15.04 -32.97 8.06
N ASN B 45 -14.09 -33.30 8.94
CA ASN B 45 -13.54 -34.65 9.02
C ASN B 45 -13.01 -35.19 7.69
N VAL B 46 -12.56 -34.29 6.83
CA VAL B 46 -12.03 -34.69 5.53
C VAL B 46 -10.51 -34.74 5.55
N THR B 47 -9.95 -35.93 5.35
CA THR B 47 -8.51 -36.11 5.29
C THR B 47 -8.05 -36.31 3.85
N GLU B 48 -7.22 -35.40 3.37
CA GLU B 48 -6.74 -35.46 1.99
C GLU B 48 -5.22 -35.63 1.94
N ASN B 49 -4.76 -36.41 0.97
CA ASN B 49 -3.33 -36.56 0.72
C ASN B 49 -2.83 -35.47 -0.22
N PHE B 50 -1.64 -34.96 0.06
CA PHE B 50 -1.04 -33.92 -0.77
C PHE B 50 0.35 -34.31 -1.24
N ASN B 51 0.76 -33.77 -2.38
CA ASN B 51 2.10 -33.99 -2.90
C ASN B 51 2.63 -32.75 -3.60
N MET B 52 3.36 -31.93 -2.85
CA MET B 52 3.87 -30.67 -3.38
C MET B 52 4.88 -30.88 -4.50
N TRP B 53 5.45 -32.08 -4.58
CA TRP B 53 6.47 -32.38 -5.57
C TRP B 53 5.87 -32.94 -6.86
N LYS B 54 4.59 -33.29 -6.80
CA LYS B 54 3.87 -33.75 -7.97
C LYS B 54 2.58 -32.96 -8.11
N ASN B 55 2.72 -31.66 -8.34
CA ASN B 55 1.58 -30.76 -8.38
C ASN B 55 1.56 -29.94 -9.67
N ASN B 56 0.65 -30.29 -10.57
CA ASN B 56 0.57 -29.63 -11.87
C ASN B 56 0.36 -28.12 -11.77
N MET B 57 -0.06 -27.66 -10.60
CA MET B 57 -0.21 -26.22 -10.37
C MET B 57 1.14 -25.54 -10.56
N VAL B 58 2.20 -26.22 -10.13
CA VAL B 58 3.55 -25.70 -10.23
C VAL B 58 3.94 -25.48 -11.69
N GLU B 59 3.75 -26.51 -12.51
CA GLU B 59 4.08 -26.41 -13.93
C GLU B 59 3.37 -25.23 -14.60
N GLN B 60 2.10 -25.02 -14.25
CA GLN B 60 1.32 -23.95 -14.86
C GLN B 60 1.84 -22.55 -14.48
N MET B 61 2.17 -22.35 -13.21
CA MET B 61 2.75 -21.08 -12.79
C MET B 61 4.07 -20.87 -13.51
N GLN B 62 4.89 -21.91 -13.52
CA GLN B 62 6.16 -21.90 -14.25
C GLN B 62 5.95 -21.42 -15.67
N GLU B 63 4.95 -21.96 -16.34
CA GLU B 63 4.64 -21.58 -17.71
C GLU B 63 4.25 -20.11 -17.82
N ASP B 64 3.48 -19.62 -16.85
CA ASP B 64 3.11 -18.21 -16.79
C ASP B 64 4.33 -17.31 -16.68
N VAL B 65 5.19 -17.63 -15.71
CA VAL B 65 6.37 -16.80 -15.44
C VAL B 65 7.32 -16.79 -16.64
N ILE B 66 7.45 -17.94 -17.30
CA ILE B 66 8.28 -18.02 -18.49
C ILE B 66 7.69 -17.14 -19.59
N SER B 67 6.37 -17.14 -19.71
CA SER B 67 5.69 -16.32 -20.69
C SER B 67 5.91 -14.84 -20.38
N LEU B 68 5.78 -14.47 -19.11
CA LEU B 68 5.99 -13.10 -18.69
C LEU B 68 7.41 -12.64 -18.96
N TRP B 69 8.38 -13.49 -18.61
CA TRP B 69 9.78 -13.16 -18.79
C TRP B 69 10.20 -13.10 -20.25
N ASP B 70 9.68 -14.02 -21.06
CA ASP B 70 10.00 -14.03 -22.49
C ASP B 70 9.47 -12.77 -23.18
N GLN B 71 8.35 -12.26 -22.69
CA GLN B 71 7.72 -11.09 -23.28
C GLN B 71 8.34 -9.78 -22.77
N SER B 72 8.86 -9.81 -21.55
CA SER B 72 9.27 -8.58 -20.87
C SER B 72 10.78 -8.38 -20.78
N LEU B 73 11.52 -9.47 -20.56
CA LEU B 73 12.97 -9.37 -20.39
C LEU B 73 13.75 -9.96 -21.55
N GLN B 74 13.68 -9.30 -22.70
CA GLN B 74 14.46 -9.71 -23.86
C GLN B 74 15.84 -9.06 -23.85
N PRO B 75 16.89 -9.88 -23.94
CA PRO B 75 18.28 -9.42 -23.89
C PRO B 75 18.74 -8.77 -25.19
N CYS B 76 19.88 -8.09 -25.15
CA CYS B 76 20.45 -7.46 -26.34
C CYS B 76 20.94 -8.53 -27.30
N VAL B 77 21.53 -9.58 -26.74
CA VAL B 77 22.02 -10.70 -27.52
C VAL B 77 21.54 -12.00 -26.87
N LYS B 78 21.14 -12.95 -27.69
CA LYS B 78 20.58 -14.20 -27.19
C LYS B 78 21.21 -15.43 -27.83
N LEU B 79 21.92 -16.21 -27.02
CA LEU B 79 22.49 -17.48 -27.47
C LEU B 79 21.55 -18.62 -27.14
N THR B 80 20.81 -19.09 -28.14
CA THR B 80 19.78 -20.10 -27.93
C THR B 80 19.97 -21.34 -28.80
N GLY B 81 20.19 -22.48 -28.14
CA GLY B 81 20.34 -23.76 -28.83
C GLY B 81 20.96 -23.65 -30.21
N GLY B 82 22.21 -23.21 -30.26
CA GLY B 82 22.91 -23.06 -31.53
C GLY B 82 22.69 -21.70 -32.16
N SER B 83 21.44 -21.25 -32.16
CA SER B 83 21.08 -19.97 -32.75
C SER B 83 21.53 -18.79 -31.88
N VAL B 84 22.18 -17.82 -32.50
CA VAL B 84 22.61 -16.62 -31.79
C VAL B 84 21.89 -15.39 -32.34
N ILE B 85 20.98 -14.85 -31.55
CA ILE B 85 20.13 -13.74 -32.00
C ILE B 85 20.49 -12.43 -31.31
N LYS B 86 20.25 -11.32 -32.01
CA LYS B 86 20.50 -9.99 -31.47
C LYS B 86 19.31 -9.07 -31.74
N GLN B 87 18.90 -8.31 -30.74
CA GLN B 87 17.85 -7.32 -30.92
C GLN B 87 17.90 -6.22 -29.85
N ALA B 88 16.91 -5.34 -29.88
CA ALA B 88 16.84 -4.22 -28.94
C ALA B 88 16.65 -4.72 -27.51
N CYS B 89 17.27 -4.03 -26.57
CA CYS B 89 17.19 -4.41 -25.15
C CYS B 89 17.00 -3.19 -24.27
N PRO B 90 15.81 -2.58 -24.33
CA PRO B 90 15.48 -1.39 -23.55
C PRO B 90 15.29 -1.73 -22.07
N LYS B 91 15.62 -0.78 -21.19
CA LYS B 91 15.40 -0.97 -19.77
C LYS B 91 13.91 -1.01 -19.47
N ILE B 92 13.53 -1.73 -18.41
CA ILE B 92 12.12 -1.90 -18.08
C ILE B 92 11.83 -1.59 -16.62
N SER B 93 10.55 -1.46 -16.31
CA SER B 93 10.10 -1.33 -14.93
C SER B 93 9.71 -2.71 -14.43
N PHE B 94 10.37 -3.17 -13.37
CA PHE B 94 10.24 -4.56 -12.93
C PHE B 94 10.01 -4.67 -11.42
N ASP B 95 8.84 -5.14 -11.04
CA ASP B 95 8.51 -5.35 -9.64
C ASP B 95 7.33 -6.30 -9.51
N PRO B 96 7.61 -7.57 -9.17
CA PRO B 96 6.59 -8.62 -9.11
C PRO B 96 5.39 -8.24 -8.23
N ILE B 97 4.19 -8.55 -8.71
CA ILE B 97 2.98 -8.34 -7.92
C ILE B 97 2.33 -9.69 -7.62
N PRO B 98 1.45 -9.74 -6.62
CA PRO B 98 0.79 -10.99 -6.24
C PRO B 98 -0.08 -11.55 -7.36
N ILE B 99 0.05 -12.85 -7.62
CA ILE B 99 -0.78 -13.52 -8.60
C ILE B 99 -1.57 -14.64 -7.93
N HIS B 100 -2.88 -14.65 -8.14
CA HIS B 100 -3.73 -15.69 -7.59
C HIS B 100 -4.03 -16.73 -8.67
N TYR B 101 -3.96 -18.00 -8.31
CA TYR B 101 -4.30 -19.08 -9.23
C TYR B 101 -5.61 -19.75 -8.84
N CYS B 102 -6.53 -19.81 -9.79
CA CYS B 102 -7.90 -20.24 -9.52
C CYS B 102 -8.34 -21.36 -10.46
N THR B 103 -9.34 -22.11 -10.04
CA THR B 103 -9.89 -23.19 -10.87
C THR B 103 -11.21 -22.75 -11.50
N PRO B 104 -11.48 -23.26 -12.71
CA PRO B 104 -12.74 -22.97 -13.41
C PRO B 104 -13.91 -23.77 -12.83
N ALA B 105 -15.07 -23.63 -13.43
CA ALA B 105 -16.26 -24.34 -12.97
C ALA B 105 -16.06 -25.84 -13.02
N GLY B 106 -16.61 -26.55 -12.05
CA GLY B 106 -16.49 -27.99 -11.98
C GLY B 106 -15.27 -28.43 -11.18
N TYR B 107 -14.42 -27.46 -10.85
CA TYR B 107 -13.22 -27.73 -10.06
C TYR B 107 -13.12 -26.80 -8.86
N VAL B 108 -12.37 -27.24 -7.85
CA VAL B 108 -12.06 -26.39 -6.70
C VAL B 108 -10.65 -26.70 -6.23
N ILE B 109 -10.13 -25.88 -5.34
CA ILE B 109 -8.79 -26.10 -4.79
C ILE B 109 -8.86 -26.45 -3.32
N LEU B 110 -8.37 -27.64 -2.97
CA LEU B 110 -8.29 -28.07 -1.58
C LEU B 110 -7.06 -27.45 -0.93
N LYS B 111 -7.25 -26.90 0.26
CA LYS B 111 -6.16 -26.22 0.96
C LYS B 111 -5.86 -26.89 2.29
N CYS B 112 -4.63 -27.40 2.42
CA CYS B 112 -4.19 -28.02 3.67
C CYS B 112 -3.86 -26.94 4.69
N ASN B 113 -4.50 -27.01 5.86
CA ASN B 113 -4.32 -25.98 6.88
C ASN B 113 -3.56 -26.46 8.11
N ASP B 114 -2.88 -27.59 7.98
CA ASP B 114 -2.01 -28.07 9.06
C ASP B 114 -0.79 -27.17 9.18
N LYS B 115 -0.66 -26.51 10.32
CA LYS B 115 0.42 -25.55 10.53
C LYS B 115 1.79 -26.24 10.62
N ASN B 116 1.80 -27.56 10.53
CA ASN B 116 3.04 -28.32 10.52
C ASN B 116 3.14 -29.24 9.31
N PHE B 117 2.40 -28.89 8.25
CA PHE B 117 2.36 -29.70 7.04
C PHE B 117 3.65 -29.57 6.23
N ASN B 118 4.34 -30.68 6.01
CA ASN B 118 5.62 -30.67 5.33
C ASN B 118 5.51 -30.69 3.80
N GLY B 119 4.28 -30.76 3.30
CA GLY B 119 4.06 -30.73 1.86
C GLY B 119 3.61 -32.05 1.27
N THR B 120 4.02 -33.15 1.88
CA THR B 120 3.63 -34.48 1.40
C THR B 120 2.87 -35.24 2.48
N GLY B 121 2.03 -36.17 2.05
CA GLY B 121 1.26 -36.99 2.97
C GLY B 121 -0.15 -36.48 3.18
N PRO B 122 -0.85 -37.02 4.19
CA PRO B 122 -2.24 -36.68 4.50
C PRO B 122 -2.37 -35.37 5.27
N CYS B 123 -3.48 -34.67 5.06
CA CYS B 123 -3.76 -33.43 5.78
C CYS B 123 -5.11 -33.52 6.48
N LYS B 124 -5.11 -33.27 7.79
CA LYS B 124 -6.30 -33.45 8.61
C LYS B 124 -7.15 -32.19 8.71
N ASN B 125 -6.60 -31.06 8.30
CA ASN B 125 -7.31 -29.79 8.34
C ASN B 125 -7.48 -29.22 6.93
N VAL B 126 -8.45 -29.72 6.20
CA VAL B 126 -8.63 -29.35 4.80
C VAL B 126 -9.79 -28.38 4.58
N SER B 127 -9.59 -27.44 3.66
CA SER B 127 -10.63 -26.51 3.27
C SER B 127 -10.69 -26.39 1.75
N SER B 128 -11.73 -25.75 1.24
CA SER B 128 -11.90 -25.60 -0.20
C SER B 128 -12.02 -24.13 -0.61
N VAL B 129 -11.27 -23.75 -1.62
CA VAL B 129 -11.27 -22.36 -2.09
C VAL B 129 -11.20 -22.31 -3.61
N GLN B 130 -11.55 -21.16 -4.18
CA GLN B 130 -11.51 -20.99 -5.63
C GLN B 130 -10.10 -20.60 -6.10
N CYS B 131 -9.46 -19.72 -5.34
CA CYS B 131 -8.14 -19.23 -5.70
C CYS B 131 -7.14 -19.40 -4.57
N THR B 132 -5.87 -19.52 -4.93
CA THR B 132 -4.80 -19.56 -3.94
C THR B 132 -4.59 -18.14 -3.41
N HIS B 133 -3.69 -18.00 -2.45
CA HIS B 133 -3.32 -16.67 -1.96
C HIS B 133 -2.48 -15.96 -3.02
N GLY B 134 -2.30 -14.66 -2.85
CA GLY B 134 -1.52 -13.88 -3.79
C GLY B 134 -0.05 -14.25 -3.76
N ILE B 135 0.45 -14.81 -4.85
CA ILE B 135 1.83 -15.26 -4.93
C ILE B 135 2.66 -14.40 -5.88
N LYS B 136 3.71 -13.77 -5.34
CA LYS B 136 4.62 -13.00 -6.16
C LYS B 136 5.63 -13.92 -6.86
N PRO B 137 5.72 -13.82 -8.20
CA PRO B 137 6.58 -14.68 -9.00
C PRO B 137 8.04 -14.27 -8.93
N VAL B 138 8.61 -14.30 -7.74
CA VAL B 138 10.00 -13.88 -7.54
C VAL B 138 10.98 -14.96 -7.96
N VAL B 139 11.78 -14.68 -8.99
CA VAL B 139 12.78 -15.62 -9.45
C VAL B 139 14.11 -15.38 -8.73
N SER B 140 14.57 -16.41 -8.02
CA SER B 140 15.84 -16.31 -7.29
C SER B 140 16.43 -17.68 -7.02
N THR B 141 17.68 -17.70 -6.54
CA THR B 141 18.34 -18.94 -6.15
C THR B 141 18.80 -18.84 -4.70
N GLN B 142 19.13 -19.99 -4.11
CA GLN B 142 19.61 -20.04 -2.73
C GLN B 142 18.59 -19.52 -1.71
N LEU B 143 18.20 -18.26 -1.86
CA LEU B 143 17.28 -17.64 -0.91
C LEU B 143 15.92 -17.31 -1.54
N LEU B 144 14.85 -17.69 -0.86
CA LEU B 144 13.50 -17.37 -1.30
C LEU B 144 13.09 -16.02 -0.72
N LEU B 145 12.58 -15.14 -1.57
CA LEU B 145 12.33 -13.75 -1.19
C LEU B 145 10.86 -13.35 -1.30
N ASN B 146 10.43 -12.48 -0.39
CA ASN B 146 9.07 -11.96 -0.39
C ASN B 146 7.99 -13.04 -0.46
N GLY B 147 8.25 -14.18 0.18
CA GLY B 147 7.30 -15.28 0.18
C GLY B 147 6.46 -15.30 1.45
N SER B 148 5.75 -16.40 1.66
CA SER B 148 4.98 -16.58 2.88
C SER B 148 5.79 -17.33 3.93
N LEU B 149 5.46 -17.11 5.20
CA LEU B 149 6.18 -17.75 6.29
C LEU B 149 5.39 -18.92 6.88
N ALA B 150 6.09 -19.91 7.40
CA ALA B 150 5.44 -20.99 8.13
C ALA B 150 4.77 -20.40 9.36
N GLU B 151 3.57 -20.88 9.67
CA GLU B 151 2.76 -20.29 10.74
C GLU B 151 3.21 -20.68 12.15
N GLU B 152 4.02 -21.72 12.26
CA GLU B 152 4.52 -22.16 13.56
C GLU B 152 6.02 -22.41 13.56
N GLU B 153 6.42 -23.67 13.56
CA GLU B 153 7.83 -24.03 13.57
C GLU B 153 8.40 -24.02 12.16
N ILE B 154 9.73 -23.98 12.07
CA ILE B 154 10.39 -24.04 10.77
C ILE B 154 10.14 -25.40 10.13
N ILE B 155 9.79 -25.39 8.85
CA ILE B 155 9.44 -26.62 8.15
C ILE B 155 10.49 -27.05 7.13
N ILE B 156 10.83 -28.33 7.15
CA ILE B 156 11.78 -28.90 6.20
C ILE B 156 11.04 -29.69 5.13
N ARG B 157 11.09 -29.23 3.89
CA ARG B 157 10.36 -29.87 2.81
C ARG B 157 11.29 -30.60 1.84
N SER B 158 10.91 -31.82 1.48
CA SER B 158 11.69 -32.62 0.55
C SER B 158 10.89 -33.82 0.06
N GLU B 159 11.08 -34.16 -1.21
CA GLU B 159 10.47 -35.34 -1.79
C GLU B 159 10.99 -36.58 -1.11
N ASN B 160 12.29 -36.60 -0.84
CA ASN B 160 12.96 -37.72 -0.17
C ASN B 160 14.18 -37.25 0.54
N LEU B 161 14.05 -37.04 1.84
CA LEU B 161 15.11 -36.47 2.64
C LEU B 161 16.36 -37.31 2.58
N THR B 162 16.18 -38.61 2.49
CA THR B 162 17.28 -39.54 2.42
C THR B 162 18.03 -39.31 1.12
N ASN B 163 17.30 -38.96 0.07
CA ASN B 163 17.87 -38.80 -1.27
C ASN B 163 18.58 -37.45 -1.41
N ASN B 164 19.91 -37.48 -1.40
CA ASN B 164 20.71 -36.27 -1.46
C ASN B 164 20.58 -35.54 -2.81
N ALA B 165 19.97 -36.20 -3.78
CA ALA B 165 19.78 -35.61 -5.09
C ALA B 165 18.56 -34.68 -5.13
N LYS B 166 17.71 -34.83 -4.12
CA LYS B 166 16.49 -34.03 -4.03
C LYS B 166 16.74 -32.70 -3.31
N THR B 167 16.18 -31.63 -3.86
CA THR B 167 16.32 -30.31 -3.28
C THR B 167 15.57 -30.21 -1.95
N ILE B 168 16.13 -29.47 -1.01
CA ILE B 168 15.49 -29.26 0.28
C ILE B 168 15.01 -27.82 0.41
N ILE B 169 13.70 -27.65 0.65
CA ILE B 169 13.13 -26.32 0.82
C ILE B 169 12.91 -26.02 2.30
N VAL B 170 13.60 -25.00 2.79
CA VAL B 170 13.44 -24.58 4.18
C VAL B 170 12.42 -23.45 4.26
N HIS B 171 11.34 -23.68 5.01
CA HIS B 171 10.31 -22.68 5.18
C HIS B 171 10.46 -22.00 6.54
N LEU B 172 10.96 -20.77 6.54
CA LEU B 172 11.20 -20.02 7.77
C LEU B 172 9.90 -19.57 8.41
N ASN B 173 9.92 -19.41 9.73
CA ASN B 173 8.76 -18.88 10.45
C ASN B 173 8.98 -17.44 10.90
N LYS B 174 10.11 -16.87 10.48
CA LYS B 174 10.43 -15.49 10.80
C LYS B 174 11.27 -14.87 9.69
N SER B 175 10.76 -13.81 9.08
CA SER B 175 11.45 -13.14 7.98
C SER B 175 12.76 -12.48 8.42
N VAL B 176 13.76 -12.57 7.56
CA VAL B 176 15.02 -11.89 7.78
C VAL B 176 15.29 -10.94 6.62
N GLU B 177 15.31 -9.65 6.90
CA GLU B 177 15.49 -8.64 5.86
C GLU B 177 16.86 -8.73 5.20
N ILE B 178 16.87 -8.54 3.88
CA ILE B 178 18.12 -8.42 3.14
C ILE B 178 18.09 -7.11 2.35
N ASN B 179 19.02 -6.23 2.65
CA ASN B 179 19.04 -4.89 2.06
C ASN B 179 20.13 -4.76 1.00
N CYS B 180 19.75 -5.00 -0.26
CA CYS B 180 20.70 -4.99 -1.36
C CYS B 180 20.67 -3.65 -2.10
N THR B 181 21.85 -3.07 -2.31
CA THR B 181 21.94 -1.76 -2.93
C THR B 181 23.09 -1.62 -3.93
N ARG B 182 22.83 -0.88 -5.00
CA ARG B 182 23.88 -0.42 -5.90
C ARG B 182 23.89 1.10 -5.84
N PRO B 183 24.79 1.66 -5.02
CA PRO B 183 24.83 3.10 -4.74
C PRO B 183 24.99 3.93 -6.00
N SER B 184 24.49 5.16 -5.96
CA SER B 184 24.57 6.06 -7.11
C SER B 184 26.02 6.51 -7.34
N ASN B 185 26.76 6.70 -6.26
CA ASN B 185 28.16 7.09 -6.34
C ASN B 185 29.07 6.19 -5.51
N GLY B 192 34.94 4.18 -9.09
CA GLY B 192 33.67 3.55 -8.80
C GLY B 192 33.27 2.54 -9.87
N ASP B 193 32.83 1.37 -9.43
CA ASP B 193 32.43 0.31 -10.35
C ASP B 193 30.91 0.21 -10.43
N ILE B 194 30.36 0.54 -11.60
CA ILE B 194 28.92 0.58 -11.81
C ILE B 194 28.22 -0.76 -11.58
N ARG B 195 29.00 -1.84 -11.50
CA ARG B 195 28.43 -3.17 -11.31
C ARG B 195 28.63 -3.67 -9.89
N LYS B 196 29.38 -2.91 -9.09
CA LYS B 196 29.60 -3.28 -7.69
C LYS B 196 28.39 -2.95 -6.84
N ALA B 197 27.87 -3.96 -6.14
CA ALA B 197 26.74 -3.78 -5.24
C ALA B 197 26.96 -4.59 -3.97
N TYR B 198 26.00 -4.53 -3.06
CA TYR B 198 26.12 -5.24 -1.79
C TYR B 198 24.77 -5.45 -1.12
N CYS B 199 24.69 -6.48 -0.28
CA CYS B 199 23.48 -6.76 0.49
C CYS B 199 23.79 -6.78 1.98
N GLU B 200 23.05 -5.99 2.74
CA GLU B 200 23.23 -5.94 4.18
C GLU B 200 22.18 -6.78 4.90
N ILE B 201 22.63 -7.54 5.89
CA ILE B 201 21.74 -8.39 6.68
C ILE B 201 22.08 -8.27 8.16
N ASN B 202 21.07 -8.35 9.01
CA ASN B 202 21.28 -8.33 10.45
C ASN B 202 21.85 -9.65 10.95
N GLY B 203 23.16 -9.66 11.21
CA GLY B 203 23.84 -10.87 11.64
C GLY B 203 23.17 -11.55 12.82
N THR B 204 22.68 -10.76 13.76
CA THR B 204 22.03 -11.30 14.94
C THR B 204 20.79 -12.11 14.59
N LYS B 205 19.95 -11.55 13.71
CA LYS B 205 18.72 -12.21 13.31
C LYS B 205 18.99 -13.43 12.45
N TRP B 206 19.90 -13.30 11.49
CA TRP B 206 20.24 -14.39 10.59
C TRP B 206 20.88 -15.56 11.32
N ASN B 207 21.91 -15.27 12.12
CA ASN B 207 22.60 -16.31 12.87
C ASN B 207 21.68 -17.11 13.78
N LYS B 208 20.68 -16.42 14.35
CA LYS B 208 19.71 -17.09 15.20
C LYS B 208 18.83 -18.02 14.39
N VAL B 209 18.25 -17.50 13.32
CA VAL B 209 17.39 -18.29 12.45
C VAL B 209 18.14 -19.50 11.89
N LEU B 210 19.32 -19.26 11.36
CA LEU B 210 20.14 -20.33 10.81
C LEU B 210 20.44 -21.38 11.88
N LYS B 211 20.59 -20.91 13.12
CA LYS B 211 20.78 -21.81 14.25
C LYS B 211 19.56 -22.70 14.42
N GLN B 212 18.38 -22.08 14.47
CA GLN B 212 17.14 -22.83 14.59
C GLN B 212 16.97 -23.81 13.44
N VAL B 213 17.37 -23.39 12.24
CA VAL B 213 17.32 -24.26 11.07
C VAL B 213 18.22 -25.47 11.28
N THR B 214 19.40 -25.23 11.84
CA THR B 214 20.33 -26.30 12.17
C THR B 214 19.71 -27.26 13.17
N GLU B 215 19.05 -26.70 14.17
CA GLU B 215 18.35 -27.50 15.18
C GLU B 215 17.26 -28.35 14.55
N LYS B 216 16.53 -27.78 13.59
CA LYS B 216 15.43 -28.47 12.95
C LYS B 216 15.91 -29.64 12.09
N LEU B 217 17.07 -29.45 11.46
CA LEU B 217 17.66 -30.51 10.64
C LEU B 217 18.13 -31.66 11.51
N LYS B 218 18.42 -31.36 12.78
CA LYS B 218 18.81 -32.39 13.76
C LYS B 218 17.68 -33.40 13.93
N GLU B 219 16.45 -32.91 13.88
CA GLU B 219 15.27 -33.74 14.10
C GLU B 219 15.02 -34.70 12.95
N HIS B 220 15.64 -34.42 11.81
CA HIS B 220 15.44 -35.24 10.61
C HIS B 220 16.66 -36.09 10.27
N PHE B 221 17.76 -35.89 10.98
CA PHE B 221 18.99 -36.61 10.71
C PHE B 221 19.67 -37.16 11.96
N ASN B 222 18.87 -37.79 12.83
CA ASN B 222 19.40 -38.43 14.03
C ASN B 222 20.44 -37.62 14.79
N ASN B 223 20.15 -36.33 14.98
CA ASN B 223 21.02 -35.47 15.78
C ASN B 223 22.45 -35.36 15.26
N LYS B 224 22.66 -35.77 14.01
CA LYS B 224 23.95 -35.62 13.37
C LYS B 224 24.39 -34.16 13.38
N THR B 225 25.70 -33.92 13.41
CA THR B 225 26.23 -32.57 13.36
C THR B 225 25.94 -31.94 12.00
N ILE B 226 25.35 -30.75 12.02
CA ILE B 226 24.97 -30.07 10.79
C ILE B 226 25.95 -28.96 10.42
N ILE B 227 26.60 -29.11 9.27
CA ILE B 227 27.57 -28.13 8.80
C ILE B 227 27.08 -27.41 7.56
N PHE B 228 27.28 -26.09 7.51
CA PHE B 228 26.92 -25.30 6.35
C PHE B 228 28.17 -24.86 5.59
N GLN B 229 28.31 -25.33 4.35
CA GLN B 229 29.43 -24.94 3.51
C GLN B 229 28.93 -24.38 2.18
N PRO B 230 29.71 -23.48 1.58
CA PRO B 230 29.36 -22.88 0.28
C PRO B 230 29.32 -23.93 -0.83
N PRO B 231 28.53 -23.68 -1.88
CA PRO B 231 28.39 -24.61 -3.01
C PRO B 231 29.73 -25.05 -3.56
N SER B 232 29.88 -26.35 -3.80
CA SER B 232 31.13 -26.91 -4.29
C SER B 232 31.64 -26.19 -5.54
N GLY B 233 30.74 -25.91 -6.47
CA GLY B 233 31.10 -25.23 -7.69
C GLY B 233 30.05 -25.39 -8.78
N GLY B 234 30.24 -24.69 -9.89
CA GLY B 234 29.32 -24.75 -11.00
C GLY B 234 28.89 -23.39 -11.50
N ASP B 235 27.70 -23.33 -12.09
CA ASP B 235 27.17 -22.07 -12.62
C ASP B 235 26.98 -21.05 -11.50
N LEU B 236 27.29 -19.79 -11.80
CA LEU B 236 27.22 -18.72 -10.82
C LEU B 236 25.81 -18.51 -10.28
N GLU B 237 24.81 -18.75 -11.13
CA GLU B 237 23.42 -18.60 -10.72
C GLU B 237 23.08 -19.56 -9.58
N ILE B 238 23.88 -20.60 -9.43
CA ILE B 238 23.66 -21.60 -8.37
C ILE B 238 24.61 -21.38 -7.20
N THR B 239 25.86 -21.02 -7.50
CA THR B 239 26.88 -20.82 -6.47
C THR B 239 26.67 -19.49 -5.73
N MET B 240 25.85 -18.63 -6.29
CA MET B 240 25.57 -17.34 -5.67
C MET B 240 24.07 -17.09 -5.55
N HIS B 241 23.70 -16.22 -4.62
CA HIS B 241 22.32 -15.79 -4.49
C HIS B 241 21.96 -14.88 -5.64
N SER B 242 21.26 -15.43 -6.63
CA SER B 242 20.89 -14.67 -7.82
C SER B 242 19.44 -14.22 -7.75
N PHE B 243 19.19 -13.00 -8.23
CA PHE B 243 17.85 -12.43 -8.25
C PHE B 243 17.81 -11.19 -9.14
N ASN B 244 16.61 -10.72 -9.45
CA ASN B 244 16.46 -9.53 -10.27
C ASN B 244 15.96 -8.34 -9.46
N CYS B 245 16.69 -7.23 -9.51
CA CYS B 245 16.33 -6.03 -8.79
C CYS B 245 16.16 -4.86 -9.75
N ARG B 246 14.94 -4.36 -9.86
CA ARG B 246 14.64 -3.25 -10.75
C ARG B 246 15.06 -3.55 -12.19
N GLY B 247 14.95 -4.82 -12.58
CA GLY B 247 15.30 -5.23 -13.92
C GLY B 247 16.75 -5.68 -14.04
N GLU B 248 17.55 -5.35 -13.04
CA GLU B 248 18.96 -5.70 -13.03
C GLU B 248 19.22 -7.05 -12.36
N PHE B 249 20.13 -7.84 -12.94
CA PHE B 249 20.45 -9.15 -12.41
C PHE B 249 21.56 -9.11 -11.37
N PHE B 250 21.19 -9.33 -10.11
CA PHE B 250 22.14 -9.31 -9.00
C PHE B 250 22.69 -10.70 -8.70
N TYR B 251 24.01 -10.77 -8.51
CA TYR B 251 24.67 -11.99 -8.06
C TYR B 251 25.44 -11.70 -6.78
N CYS B 252 25.03 -12.32 -5.68
CA CYS B 252 25.62 -12.01 -4.39
C CYS B 252 26.30 -13.21 -3.73
N ASN B 253 27.54 -13.02 -3.30
CA ASN B 253 28.30 -14.05 -2.61
C ASN B 253 27.73 -14.28 -1.20
N THR B 254 27.29 -15.52 -0.94
CA THR B 254 26.64 -15.82 0.33
C THR B 254 27.54 -16.64 1.27
N THR B 255 28.85 -16.58 1.03
CA THR B 255 29.81 -17.32 1.85
C THR B 255 29.70 -16.97 3.33
N GLN B 256 29.34 -15.71 3.61
CA GLN B 256 29.25 -15.22 4.99
C GLN B 256 27.94 -15.61 5.67
N LEU B 257 26.90 -15.81 4.87
CA LEU B 257 25.59 -16.15 5.41
C LEU B 257 25.56 -17.57 5.99
N PHE B 258 26.46 -18.43 5.51
CA PHE B 258 26.51 -19.81 5.97
C PHE B 258 27.81 -20.11 6.70
N ASN B 259 28.12 -19.29 7.69
CA ASN B 259 29.32 -19.48 8.51
C ASN B 259 29.02 -20.30 9.75
N ASN B 260 29.67 -21.45 9.86
CA ASN B 260 29.44 -22.35 10.99
C ASN B 260 29.90 -21.79 12.32
N THR B 261 30.84 -20.85 12.28
CA THR B 261 31.40 -20.26 13.49
C THR B 261 30.36 -19.51 14.30
N CYS B 262 29.40 -18.90 13.60
CA CYS B 262 28.36 -18.11 14.25
C CYS B 262 27.20 -18.97 14.74
N ILE B 263 27.37 -20.29 14.64
CA ILE B 263 26.35 -21.23 15.09
C ILE B 263 26.67 -21.76 16.48
N ASN B 272 27.58 -11.15 14.60
CA ASN B 272 26.58 -10.46 15.41
C ASN B 272 26.23 -9.09 14.83
N GLY B 273 27.18 -8.46 14.15
CA GLY B 273 26.95 -7.16 13.56
C GLY B 273 26.28 -7.24 12.20
N THR B 274 26.42 -6.18 11.42
CA THR B 274 25.82 -6.14 10.09
C THR B 274 26.64 -6.93 9.08
N ILE B 275 26.01 -7.93 8.46
CA ILE B 275 26.67 -8.73 7.44
C ILE B 275 26.53 -8.06 6.07
N THR B 276 27.67 -7.73 5.47
CA THR B 276 27.67 -7.13 4.13
C THR B 276 28.12 -8.13 3.08
N LEU B 277 27.17 -8.58 2.25
CA LEU B 277 27.48 -9.52 1.19
C LEU B 277 27.92 -8.80 -0.08
N PRO B 278 29.08 -9.18 -0.61
CA PRO B 278 29.58 -8.59 -1.86
C PRO B 278 28.75 -9.08 -3.05
N CYS B 279 28.24 -8.15 -3.85
CA CYS B 279 27.41 -8.52 -4.99
C CYS B 279 27.94 -7.89 -6.28
N LYS B 280 27.37 -8.31 -7.40
CA LYS B 280 27.68 -7.71 -8.69
C LYS B 280 26.50 -7.84 -9.65
N ILE B 281 26.28 -6.80 -10.44
CA ILE B 281 25.25 -6.83 -11.46
C ILE B 281 25.84 -7.39 -12.75
N LYS B 282 25.34 -8.55 -13.18
CA LYS B 282 25.86 -9.21 -14.37
C LYS B 282 25.04 -8.90 -15.62
N GLN B 283 25.72 -8.80 -16.75
CA GLN B 283 25.06 -8.59 -18.04
C GLN B 283 24.84 -9.93 -18.73
N ILE B 284 25.84 -10.80 -18.67
CA ILE B 284 25.75 -12.14 -19.24
C ILE B 284 25.12 -13.09 -18.22
N ILE B 285 24.15 -13.89 -18.66
CA ILE B 285 23.37 -14.70 -17.74
C ILE B 285 22.95 -16.05 -18.32
N ASN B 286 22.88 -17.05 -17.46
CA ASN B 286 22.34 -18.36 -17.83
C ASN B 286 20.84 -18.40 -17.54
N MET B 287 20.04 -18.47 -18.60
CA MET B 287 18.59 -18.42 -18.48
C MET B 287 18.04 -19.56 -17.63
N TRP B 288 17.16 -19.23 -16.69
CA TRP B 288 16.52 -20.23 -15.86
C TRP B 288 15.44 -20.98 -16.64
N GLN B 289 15.07 -20.44 -17.80
CA GLN B 289 14.11 -21.10 -18.68
C GLN B 289 14.74 -22.32 -19.32
N GLY B 290 16.08 -22.37 -19.31
CA GLY B 290 16.82 -23.48 -19.89
C GLY B 290 17.23 -23.23 -21.33
N THR B 291 16.83 -22.08 -21.86
CA THR B 291 17.12 -21.73 -23.25
C THR B 291 18.62 -21.71 -23.51
N GLY B 292 19.34 -20.89 -22.75
CA GLY B 292 20.79 -20.75 -22.91
C GLY B 292 21.32 -19.52 -22.20
N GLN B 293 22.20 -18.79 -22.88
CA GLN B 293 22.78 -17.58 -22.31
C GLN B 293 22.15 -16.33 -22.91
N ALA B 294 22.23 -15.23 -22.17
CA ALA B 294 21.70 -13.95 -22.63
C ALA B 294 22.48 -12.79 -22.02
N MET B 295 22.66 -11.74 -22.80
CA MET B 295 23.40 -10.56 -22.33
C MET B 295 22.55 -9.30 -22.40
N TYR B 296 22.47 -8.59 -21.28
CA TYR B 296 21.72 -7.35 -21.21
C TYR B 296 22.66 -6.14 -21.19
N ALA B 297 22.07 -4.95 -21.25
CA ALA B 297 22.84 -3.72 -21.23
C ALA B 297 23.35 -3.41 -19.83
N PRO B 298 24.31 -2.50 -19.71
CA PRO B 298 24.86 -2.06 -18.42
C PRO B 298 23.76 -1.54 -17.50
N PRO B 299 23.98 -1.57 -16.18
CA PRO B 299 22.98 -1.17 -15.19
C PRO B 299 22.51 0.27 -15.39
N ILE B 300 21.29 0.56 -14.95
CA ILE B 300 20.74 1.92 -15.03
C ILE B 300 21.49 2.83 -14.06
N ASP B 301 21.36 4.13 -14.27
CA ASP B 301 22.02 5.11 -13.41
C ASP B 301 21.32 5.25 -12.06
N GLY B 302 21.99 5.88 -11.11
CA GLY B 302 21.41 6.20 -9.83
C GLY B 302 21.38 5.05 -8.84
N LYS B 303 20.77 5.30 -7.68
CA LYS B 303 20.68 4.31 -6.62
C LYS B 303 19.73 3.18 -7.01
N ILE B 304 20.20 1.94 -6.88
CA ILE B 304 19.37 0.77 -7.14
C ILE B 304 19.24 -0.04 -5.85
N ASN B 305 18.03 -0.11 -5.32
CA ASN B 305 17.81 -0.74 -4.02
C ASN B 305 16.64 -1.72 -3.99
N CYS B 306 16.88 -2.86 -3.36
CA CYS B 306 15.84 -3.86 -3.16
C CYS B 306 15.93 -4.44 -1.76
N VAL B 307 14.92 -4.16 -0.94
CA VAL B 307 14.84 -4.73 0.39
C VAL B 307 13.80 -5.84 0.36
N SER B 308 14.23 -7.06 0.69
CA SER B 308 13.34 -8.22 0.60
C SER B 308 13.29 -8.96 1.93
N ASN B 309 12.24 -9.75 2.11
CA ASN B 309 12.14 -10.65 3.24
C ASN B 309 12.62 -12.04 2.85
N ILE B 310 13.69 -12.52 3.50
CA ILE B 310 14.11 -13.90 3.32
C ILE B 310 13.15 -14.79 4.08
N THR B 311 12.33 -15.53 3.34
CA THR B 311 11.28 -16.35 3.94
C THR B 311 11.52 -17.84 3.75
N GLY B 312 12.56 -18.17 2.99
CA GLY B 312 12.89 -19.56 2.72
C GLY B 312 14.33 -19.74 2.28
N ILE B 313 14.79 -20.98 2.31
CA ILE B 313 16.15 -21.30 1.88
C ILE B 313 16.15 -22.57 1.04
N LEU B 314 16.95 -22.56 -0.02
CA LEU B 314 17.12 -23.75 -0.85
C LEU B 314 18.45 -24.43 -0.53
N LEU B 315 18.36 -25.69 -0.10
CA LEU B 315 19.55 -26.43 0.30
C LEU B 315 19.72 -27.73 -0.47
N THR B 316 20.97 -28.13 -0.66
CA THR B 316 21.30 -29.43 -1.25
C THR B 316 22.26 -30.14 -0.33
N ARG B 317 21.92 -31.37 0.06
CA ARG B 317 22.74 -32.13 1.00
C ARG B 317 23.81 -32.94 0.27
N ASP B 318 25.05 -32.83 0.75
CA ASP B 318 26.17 -33.57 0.19
C ASP B 318 25.96 -35.08 0.32
N GLY B 319 26.34 -35.81 -0.72
CA GLY B 319 26.27 -37.26 -0.69
C GLY B 319 27.54 -37.86 -0.10
N GLY B 320 27.53 -39.18 0.09
CA GLY B 320 28.67 -39.86 0.64
C GLY B 320 28.94 -39.51 2.09
N ALA B 321 27.91 -39.02 2.77
CA ALA B 321 28.04 -38.65 4.18
C ALA B 321 27.22 -39.61 5.06
N ASN B 322 27.22 -40.89 4.69
CA ASN B 322 26.47 -41.91 5.41
C ASN B 322 27.29 -42.54 6.53
N ASN B 323 28.61 -42.53 6.39
CA ASN B 323 29.49 -43.12 7.39
C ASN B 323 29.56 -42.34 8.70
N THR B 324 29.86 -41.04 8.59
CA THR B 324 29.99 -40.16 9.74
C THR B 324 28.70 -39.37 9.98
N SER B 325 28.62 -38.72 11.13
CA SER B 325 27.44 -37.93 11.50
C SER B 325 27.39 -36.61 10.75
N ASN B 326 28.56 -36.05 10.47
CA ASN B 326 28.67 -34.76 9.80
C ASN B 326 27.90 -34.69 8.48
N GLU B 327 26.68 -34.17 8.56
CA GLU B 327 25.87 -33.94 7.37
C GLU B 327 25.99 -32.49 6.93
N THR B 328 26.56 -32.28 5.73
CA THR B 328 26.79 -30.94 5.23
C THR B 328 25.71 -30.49 4.26
N PHE B 329 25.27 -29.24 4.41
CA PHE B 329 24.25 -28.68 3.53
C PHE B 329 24.75 -27.39 2.88
N ARG B 330 24.49 -27.25 1.59
CA ARG B 330 24.92 -26.07 0.84
C ARG B 330 23.73 -25.41 0.15
N PRO B 331 23.78 -24.08 0.01
CA PRO B 331 22.70 -23.35 -0.66
C PRO B 331 22.62 -23.74 -2.13
N GLY B 332 21.48 -24.30 -2.53
CA GLY B 332 21.31 -24.78 -3.89
C GLY B 332 20.36 -23.92 -4.71
N GLY B 333 19.37 -24.58 -5.32
CA GLY B 333 18.43 -23.90 -6.18
C GLY B 333 18.75 -24.16 -7.64
N GLY B 334 18.16 -23.37 -8.53
CA GLY B 334 18.38 -23.53 -9.96
C GLY B 334 17.12 -23.95 -10.69
N ASN B 335 16.34 -24.84 -10.06
CA ASN B 335 15.05 -25.22 -10.61
C ASN B 335 13.95 -24.31 -10.08
N ILE B 336 13.61 -23.30 -10.87
CA ILE B 336 12.67 -22.27 -10.46
C ILE B 336 11.32 -22.86 -10.05
N LYS B 337 11.02 -24.06 -10.53
CA LYS B 337 9.79 -24.73 -10.16
C LYS B 337 9.71 -24.90 -8.65
N ASP B 338 10.86 -25.13 -8.02
CA ASP B 338 10.93 -25.28 -6.57
C ASP B 338 10.43 -24.02 -5.86
N ASN B 339 10.70 -22.85 -6.46
CA ASN B 339 10.22 -21.60 -5.90
C ASN B 339 8.71 -21.56 -5.79
N TRP B 340 8.03 -21.96 -6.87
CA TRP B 340 6.58 -21.98 -6.88
C TRP B 340 6.06 -23.04 -5.91
N ARG B 341 6.78 -24.15 -5.81
CA ARG B 341 6.40 -25.23 -4.90
C ARG B 341 6.37 -24.77 -3.44
N SER B 342 7.30 -23.88 -3.09
CA SER B 342 7.40 -23.38 -1.72
C SER B 342 6.16 -22.58 -1.31
N GLU B 343 5.35 -22.21 -2.29
CA GLU B 343 4.14 -21.43 -2.02
C GLU B 343 2.86 -22.22 -2.33
N LEU B 344 2.96 -23.16 -3.28
CA LEU B 344 1.80 -23.93 -3.70
C LEU B 344 1.70 -25.27 -2.97
N TYR B 345 2.63 -25.51 -2.06
CA TYR B 345 2.73 -26.80 -1.37
C TYR B 345 1.42 -27.23 -0.70
N LYS B 346 0.60 -26.27 -0.29
CA LYS B 346 -0.61 -26.56 0.46
C LYS B 346 -1.86 -26.68 -0.42
N TYR B 347 -1.68 -26.57 -1.74
CA TYR B 347 -2.81 -26.62 -2.65
C TYR B 347 -2.79 -27.83 -3.55
N LYS B 348 -3.97 -28.24 -4.00
CA LYS B 348 -4.11 -29.30 -4.99
C LYS B 348 -5.48 -29.23 -5.65
N VAL B 349 -5.52 -29.41 -6.96
CA VAL B 349 -6.77 -29.30 -7.71
C VAL B 349 -7.56 -30.60 -7.69
N VAL B 350 -8.88 -30.48 -7.51
CA VAL B 350 -9.78 -31.63 -7.54
C VAL B 350 -11.00 -31.34 -8.40
N GLN B 351 -11.56 -32.36 -9.01
CA GLN B 351 -12.75 -32.20 -9.85
C GLN B 351 -14.01 -32.60 -9.09
N ILE B 352 -15.00 -31.72 -9.11
CA ILE B 352 -16.28 -31.99 -8.46
C ILE B 352 -17.13 -32.93 -9.30
N GLU B 353 -17.77 -33.88 -8.64
CA GLU B 353 -18.56 -34.90 -9.35
C GLU B 353 -19.91 -35.12 -8.68
#